data_2DU3
#
_entry.id   2DU3
#
_cell.length_a   149.115
_cell.length_b   149.115
_cell.length_c   153.909
_cell.angle_alpha   90.00
_cell.angle_beta   90.00
_cell.angle_gamma   120.00
#
_symmetry.space_group_name_H-M   'P 31 2 1'
#
loop_
_entity.id
_entity.type
_entity.pdbx_description
1 polymer tRNA
2 polymer 'O-phosphoseryl-tRNA synthetase'
3 non-polymer PHOSPHOSERINE
4 water water
#
loop_
_entity_poly.entity_id
_entity_poly.type
_entity_poly.pdbx_seq_one_letter_code
_entity_poly.pdbx_strand_id
1 'polyribonucleotide' GCCAGGGUGGCAGAGGGGCUUUGCGGCGGACUGCAGAUCCGCUUUACCCCGGUUCGAAUCCGGGCCCUGGC D
2 'polypeptide(L)'
;MKFDPQKYRELAEKDFEAAWKAGKEILAERSPNELYPRVGFSFGKEHPLFATIQRLREAYLSIGFSEVVNPLIVEDVHVK
KQFGREALAVLDRCFYLATLPKPNVGISAEKIRQIEAITKREVDSKPLQEIFHRYKKGEIDGDDLSYLIAEVLDVDDITA
VKILDEVFPEFKELKPISSTLTLRSHMTTGWFITLSHIADKLPLPIKLFSIDRCFRREQGEDATRLYTYFSASCVLVDEE
LSVDDGKAVAEALLRQFGFENFRFRKDEKRSKYYIPDTQTEVFAFHPKLVGSSTKYSDGWIEIATFGIYSPTALAEYDIP
YPVMNLGLGVERLAMILYGYDDVRKMVYPQIHGEIKLSDLDIAREIKVKEVPQTAVGLKIAQSIVETAEKHASEPSPCSF
LAFEGEMMGRNVRVYVVEEEENTKLCGPAYANEVVVYKGDIYGIPKTKKWRSFFEEGVPTGIRYIDGFAYYAARKVEEAA
MREQEEVKVKARIVENLSDINLYIHENVRRYILWKKGKIDVRGPLFVTVKAEIE
;
A,B
#
# COMPACT_ATOMS: atom_id res chain seq x y z
N MET B 1 -31.28 13.05 26.31
CA MET B 1 -32.12 11.97 26.89
C MET B 1 -33.21 11.49 25.93
N LYS B 2 -33.72 10.29 26.14
CA LYS B 2 -34.79 9.82 25.29
C LYS B 2 -36.11 10.44 25.76
N PHE B 3 -37.10 10.41 24.89
CA PHE B 3 -38.40 11.01 25.17
C PHE B 3 -39.45 10.08 24.65
N ASP B 4 -40.71 10.41 24.90
CA ASP B 4 -41.80 9.56 24.44
C ASP B 4 -42.41 10.02 23.11
N PRO B 5 -42.33 9.17 22.09
CA PRO B 5 -42.89 9.57 20.80
C PRO B 5 -44.39 9.92 20.85
N GLN B 6 -45.22 9.02 21.38
CA GLN B 6 -46.66 9.26 21.46
C GLN B 6 -47.01 10.57 22.15
N LYS B 7 -46.37 10.85 23.29
CA LYS B 7 -46.62 12.09 24.01
C LYS B 7 -46.37 13.28 23.07
N TYR B 8 -45.18 13.33 22.47
CA TYR B 8 -44.85 14.42 21.56
C TYR B 8 -45.79 14.52 20.37
N ARG B 9 -46.21 13.39 19.81
CA ARG B 9 -47.14 13.40 18.68
C ARG B 9 -48.44 14.08 19.08
N GLU B 10 -49.03 13.62 20.19
CA GLU B 10 -50.31 14.17 20.64
C GLU B 10 -50.27 15.60 21.12
N LEU B 11 -49.14 16.04 21.65
CA LEU B 11 -49.01 17.43 22.08
C LEU B 11 -48.71 18.32 20.86
N ALA B 12 -48.01 17.76 19.88
CA ALA B 12 -47.66 18.50 18.69
C ALA B 12 -48.83 18.69 17.74
N GLU B 13 -49.73 17.71 17.73
CA GLU B 13 -50.91 17.79 16.87
C GLU B 13 -51.84 18.92 17.32
N LYS B 14 -51.78 19.28 18.60
CA LYS B 14 -52.63 20.32 19.15
C LYS B 14 -51.94 21.66 19.33
N ASP B 15 -50.82 21.67 20.02
CA ASP B 15 -50.08 22.92 20.26
C ASP B 15 -48.61 22.77 19.81
N PHE B 16 -48.38 22.97 18.51
CA PHE B 16 -47.05 22.83 17.92
C PHE B 16 -45.94 23.62 18.60
N GLU B 17 -46.09 24.94 18.67
CA GLU B 17 -45.05 25.77 19.29
C GLU B 17 -44.65 25.24 20.66
N ALA B 18 -45.61 24.90 21.50
CA ALA B 18 -45.29 24.40 22.83
C ALA B 18 -44.38 23.17 22.75
N ALA B 19 -44.72 22.24 21.87
CA ALA B 19 -43.91 21.03 21.73
C ALA B 19 -42.50 21.37 21.22
N TRP B 20 -42.44 22.17 20.15
CA TRP B 20 -41.17 22.59 19.57
C TRP B 20 -40.26 23.20 20.63
N LYS B 21 -40.80 24.16 21.37
CA LYS B 21 -40.02 24.83 22.40
C LYS B 21 -39.59 23.83 23.48
N ALA B 22 -40.47 22.90 23.83
CA ALA B 22 -40.15 21.91 24.85
C ALA B 22 -39.03 20.96 24.40
N GLY B 23 -38.79 20.88 23.09
CA GLY B 23 -37.74 20.01 22.58
C GLY B 23 -36.37 20.20 23.25
N LYS B 24 -36.07 21.42 23.68
CA LYS B 24 -34.80 21.71 24.32
C LYS B 24 -34.52 20.78 25.49
N GLU B 25 -35.55 20.15 26.03
CA GLU B 25 -35.36 19.26 27.17
C GLU B 25 -34.56 18.02 26.82
N ILE B 26 -34.58 17.59 25.57
CA ILE B 26 -33.84 16.39 25.23
C ILE B 26 -32.34 16.61 24.96
N LEU B 27 -31.90 17.87 24.94
CA LEU B 27 -30.50 18.20 24.73
C LEU B 27 -29.71 17.88 26.00
N ALA B 28 -28.41 17.70 25.87
CA ALA B 28 -27.58 17.39 27.01
C ALA B 28 -26.94 18.67 27.56
N GLU B 29 -26.93 18.80 28.88
CA GLU B 29 -26.28 19.95 29.52
C GLU B 29 -24.84 19.46 29.74
N ARG B 30 -23.90 20.03 28.99
CA ARG B 30 -22.51 19.62 29.07
C ARG B 30 -21.69 20.38 30.12
N SER B 31 -20.81 19.68 30.83
CA SER B 31 -19.92 20.30 31.82
C SER B 31 -18.78 20.91 30.98
N PRO B 32 -17.97 21.81 31.56
CA PRO B 32 -16.87 22.47 30.84
C PRO B 32 -15.92 21.65 29.96
N ASN B 33 -15.53 20.47 30.38
CA ASN B 33 -14.63 19.69 29.55
C ASN B 33 -15.36 18.87 28.47
N GLU B 34 -16.67 19.05 28.37
CA GLU B 34 -17.44 18.33 27.37
C GLU B 34 -17.85 19.28 26.27
N LEU B 35 -17.36 20.52 26.35
CA LEU B 35 -17.64 21.55 25.35
C LEU B 35 -16.54 21.73 24.28
N TYR B 36 -16.96 21.98 23.04
CA TYR B 36 -16.00 22.21 21.96
C TYR B 36 -15.16 23.45 22.34
N PRO B 37 -13.86 23.48 22.01
CA PRO B 37 -13.04 22.48 21.31
C PRO B 37 -12.41 21.42 22.22
N ARG B 38 -12.89 21.30 23.44
CA ARG B 38 -12.34 20.29 24.35
C ARG B 38 -12.72 18.86 23.97
N VAL B 39 -13.80 18.69 23.21
CA VAL B 39 -14.17 17.37 22.72
C VAL B 39 -13.89 17.39 21.21
N GLY B 40 -13.55 16.23 20.65
CA GLY B 40 -13.26 16.14 19.23
C GLY B 40 -13.27 14.72 18.66
N PHE B 41 -13.06 14.62 17.36
CA PHE B 41 -12.99 13.34 16.70
C PHE B 41 -11.59 13.37 16.10
N SER B 42 -11.00 12.19 15.92
CA SER B 42 -9.67 12.16 15.34
C SER B 42 -9.72 11.28 14.10
N PHE B 43 -8.63 11.27 13.36
CA PHE B 43 -8.56 10.47 12.16
C PHE B 43 -7.08 10.32 11.85
N GLY B 44 -6.72 9.21 11.22
CA GLY B 44 -5.33 8.97 10.89
C GLY B 44 -4.91 9.70 9.62
N LYS B 45 -3.64 10.08 9.55
CA LYS B 45 -3.09 10.77 8.37
C LYS B 45 -2.18 9.82 7.58
N GLU B 46 -2.02 10.10 6.30
CA GLU B 46 -1.17 9.32 5.42
C GLU B 46 0.20 9.93 5.40
N HIS B 47 1.22 9.11 5.17
CA HIS B 47 2.56 9.64 5.07
C HIS B 47 2.75 10.04 3.58
N PRO B 48 3.33 11.23 3.32
CA PRO B 48 3.53 11.64 1.93
C PRO B 48 4.18 10.60 1.00
N LEU B 49 5.20 9.89 1.47
CA LEU B 49 5.88 8.88 0.64
C LEU B 49 4.91 7.78 0.16
N PHE B 50 4.24 7.13 1.09
CA PHE B 50 3.31 6.05 0.72
C PHE B 50 2.12 6.58 -0.08
N ALA B 51 1.73 7.83 0.17
CA ALA B 51 0.61 8.40 -0.61
C ALA B 51 1.02 8.44 -2.07
N THR B 52 2.21 8.97 -2.32
CA THR B 52 2.76 9.07 -3.66
C THR B 52 2.88 7.72 -4.33
N ILE B 53 3.36 6.73 -3.59
CA ILE B 53 3.50 5.40 -4.15
C ILE B 53 2.16 4.84 -4.66
N GLN B 54 1.09 5.07 -3.89
CA GLN B 54 -0.23 4.59 -4.25
C GLN B 54 -0.75 5.28 -5.49
N ARG B 55 -0.42 6.56 -5.61
CA ARG B 55 -0.83 7.33 -6.78
C ARG B 55 -0.07 6.83 -8.01
N LEU B 56 1.22 6.56 -7.83
CA LEU B 56 2.05 6.04 -8.89
C LEU B 56 1.48 4.65 -9.33
N ARG B 57 1.00 3.85 -8.38
CA ARG B 57 0.42 2.55 -8.71
C ARG B 57 -0.77 2.76 -9.63
N GLU B 58 -1.63 3.69 -9.24
CA GLU B 58 -2.82 4.01 -10.01
C GLU B 58 -2.47 4.56 -11.39
N ALA B 59 -1.41 5.38 -11.47
CA ALA B 59 -0.99 5.98 -12.74
C ALA B 59 -0.43 4.94 -13.71
N TYR B 60 0.45 4.05 -13.26
CA TYR B 60 1.00 3.01 -14.13
C TYR B 60 -0.13 2.07 -14.59
N LEU B 61 -1.05 1.74 -13.68
CA LEU B 61 -2.17 0.88 -14.04
C LEU B 61 -3.07 1.54 -15.09
N SER B 62 -3.35 2.82 -14.92
CA SER B 62 -4.21 3.51 -15.86
C SER B 62 -3.63 3.52 -17.28
N ILE B 63 -2.32 3.41 -17.44
CA ILE B 63 -1.75 3.38 -18.79
C ILE B 63 -1.43 1.98 -19.31
N GLY B 64 -2.03 0.96 -18.70
CA GLY B 64 -1.85 -0.42 -19.17
C GLY B 64 -0.74 -1.33 -18.68
N PHE B 65 0.04 -0.91 -17.70
CA PHE B 65 1.11 -1.75 -17.18
C PHE B 65 0.58 -2.62 -16.03
N SER B 66 1.08 -3.85 -15.92
CA SER B 66 0.65 -4.76 -14.85
C SER B 66 1.68 -4.85 -13.75
N GLU B 67 1.18 -4.96 -12.52
CA GLU B 67 2.03 -5.00 -11.34
C GLU B 67 2.83 -6.26 -11.12
N VAL B 68 4.04 -6.06 -10.61
CA VAL B 68 4.95 -7.15 -10.43
C VAL B 68 5.87 -6.97 -9.21
N VAL B 69 6.42 -8.07 -8.71
CA VAL B 69 7.37 -8.01 -7.59
C VAL B 69 8.68 -8.60 -8.13
N ASN B 70 9.75 -7.83 -8.17
CA ASN B 70 11.01 -8.35 -8.68
C ASN B 70 11.95 -8.75 -7.57
N PRO B 71 12.92 -9.64 -7.88
CA PRO B 71 13.88 -10.08 -6.85
C PRO B 71 14.60 -8.85 -6.28
N LEU B 72 14.85 -8.85 -4.98
CA LEU B 72 15.50 -7.72 -4.31
C LEU B 72 16.90 -8.15 -3.83
N ILE B 73 16.98 -9.36 -3.29
CA ILE B 73 18.25 -9.91 -2.83
C ILE B 73 18.79 -10.68 -4.03
N VAL B 74 19.98 -10.32 -4.50
CA VAL B 74 20.56 -10.99 -5.67
C VAL B 74 22.08 -11.21 -5.65
N GLU B 75 22.52 -12.33 -6.21
CA GLU B 75 23.95 -12.64 -6.31
C GLU B 75 24.58 -11.52 -7.14
N ASP B 76 25.75 -11.03 -6.74
CA ASP B 76 26.38 -9.93 -7.49
C ASP B 76 26.81 -10.29 -8.90
N VAL B 77 26.65 -11.54 -9.28
CA VAL B 77 27.03 -11.96 -10.63
C VAL B 77 26.11 -11.29 -11.64
N HIS B 78 24.89 -10.96 -11.20
CA HIS B 78 23.91 -10.31 -12.06
C HIS B 78 24.33 -8.91 -12.47
N VAL B 79 25.02 -8.20 -11.57
CA VAL B 79 25.50 -6.87 -11.88
C VAL B 79 26.59 -7.02 -12.93
N LYS B 80 27.32 -8.12 -12.84
CA LYS B 80 28.38 -8.40 -13.80
C LYS B 80 27.81 -8.81 -15.16
N LYS B 81 26.80 -9.67 -15.19
CA LYS B 81 26.21 -10.07 -16.48
C LYS B 81 25.59 -8.84 -17.14
N GLN B 82 25.26 -7.85 -16.31
CA GLN B 82 24.60 -6.65 -16.80
C GLN B 82 25.48 -5.45 -17.15
N PHE B 83 26.59 -5.25 -16.43
CA PHE B 83 27.47 -4.11 -16.70
C PHE B 83 28.77 -4.45 -17.40
N GLY B 84 29.20 -5.70 -17.27
CA GLY B 84 30.45 -6.09 -17.88
C GLY B 84 31.59 -5.65 -16.97
N ARG B 85 32.59 -5.00 -17.53
CA ARG B 85 33.75 -4.54 -16.78
C ARG B 85 33.42 -3.39 -15.84
N GLU B 86 32.51 -2.52 -16.27
CA GLU B 86 32.09 -1.37 -15.48
C GLU B 86 31.43 -1.83 -14.17
N ALA B 87 31.11 -3.11 -14.09
CA ALA B 87 30.45 -3.67 -12.91
C ALA B 87 31.11 -3.29 -11.59
N LEU B 88 32.45 -3.33 -11.54
CA LEU B 88 33.19 -2.99 -10.33
C LEU B 88 32.87 -1.61 -9.77
N ALA B 89 32.69 -0.63 -10.65
CA ALA B 89 32.37 0.72 -10.22
C ALA B 89 31.01 0.70 -9.53
N VAL B 90 30.10 -0.14 -10.04
CA VAL B 90 28.76 -0.27 -9.50
C VAL B 90 28.78 -0.94 -8.14
N LEU B 91 29.26 -2.17 -8.10
CA LEU B 91 29.31 -2.91 -6.86
C LEU B 91 29.95 -2.12 -5.72
N ASP B 92 30.78 -1.14 -6.04
CA ASP B 92 31.39 -0.34 -4.99
C ASP B 92 30.38 0.61 -4.34
N ARG B 93 29.21 0.72 -4.95
CA ARG B 93 28.13 1.57 -4.43
C ARG B 93 27.01 0.69 -3.82
N CYS B 94 27.22 -0.63 -3.79
CA CYS B 94 26.23 -1.58 -3.25
C CYS B 94 26.53 -2.12 -1.85
N PHE B 95 25.55 -2.80 -1.28
CA PHE B 95 25.70 -3.41 0.04
C PHE B 95 25.66 -4.92 -0.17
N TYR B 96 26.50 -5.64 0.59
CA TYR B 96 26.52 -7.09 0.51
C TYR B 96 25.91 -7.62 1.80
N LEU B 97 25.21 -8.74 1.70
CA LEU B 97 24.61 -9.34 2.88
C LEU B 97 25.60 -10.24 3.61
N ALA B 98 25.87 -9.89 4.87
CA ALA B 98 26.77 -10.67 5.71
C ALA B 98 25.91 -11.34 6.79
N THR B 99 26.41 -12.41 7.38
CA THR B 99 25.67 -13.16 8.39
C THR B 99 26.60 -13.69 9.48
N LEU B 100 26.04 -13.99 10.66
CA LEU B 100 26.82 -14.53 11.77
C LEU B 100 26.91 -16.04 11.72
N PRO B 101 28.12 -16.58 11.91
CA PRO B 101 28.39 -18.02 11.89
C PRO B 101 28.07 -18.58 13.28
N LYS B 102 27.89 -19.89 13.37
CA LYS B 102 27.58 -20.52 14.65
C LYS B 102 28.87 -20.80 15.42
N PRO B 103 28.82 -20.74 16.76
CA PRO B 103 30.00 -20.99 17.60
C PRO B 103 30.26 -22.50 17.67
N ASN B 104 31.50 -22.87 17.93
CA ASN B 104 31.83 -24.29 18.03
C ASN B 104 32.16 -24.70 19.45
N VAL B 105 31.30 -25.52 20.05
CA VAL B 105 31.53 -26.00 21.40
C VAL B 105 32.36 -27.27 21.33
N GLY B 106 33.28 -27.29 20.37
CA GLY B 106 34.17 -28.42 20.17
C GLY B 106 35.40 -28.01 19.38
N ILE B 107 36.30 -28.96 19.11
CA ILE B 107 37.52 -28.68 18.36
C ILE B 107 38.22 -27.41 18.87
N SER B 108 37.85 -26.28 18.27
CA SER B 108 38.40 -24.97 18.63
C SER B 108 38.35 -24.72 20.13
N ALA B 109 37.16 -24.88 20.72
CA ALA B 109 36.98 -24.64 22.15
C ALA B 109 36.58 -25.89 22.91
N GLU B 110 37.34 -26.98 22.74
CA GLU B 110 37.05 -28.22 23.46
C GLU B 110 38.33 -28.90 23.93
N LYS B 111 39.43 -28.65 23.20
CA LYS B 111 40.73 -29.22 23.57
C LYS B 111 41.19 -28.49 24.82
N ILE B 112 40.84 -27.20 24.90
CA ILE B 112 41.20 -26.38 26.04
C ILE B 112 39.98 -26.23 26.96
N ARG B 113 38.92 -26.96 26.63
CA ARG B 113 37.69 -26.93 27.42
C ARG B 113 37.58 -28.12 28.36
N GLN B 114 37.57 -29.33 27.80
CA GLN B 114 37.48 -30.54 28.61
C GLN B 114 38.80 -30.76 29.33
N ILE B 115 39.69 -29.78 29.23
CA ILE B 115 41.00 -29.81 29.87
C ILE B 115 40.88 -28.91 31.11
N GLU B 116 39.64 -28.57 31.46
CA GLU B 116 39.32 -27.72 32.61
C GLU B 116 37.94 -28.09 33.17
N ALA B 117 37.63 -27.59 34.36
CA ALA B 117 36.33 -27.86 34.98
C ALA B 117 35.28 -27.05 34.23
N ILE B 118 34.49 -27.72 33.40
CA ILE B 118 33.46 -27.06 32.61
C ILE B 118 32.52 -26.19 33.44
N THR B 119 31.34 -26.70 33.77
CA THR B 119 30.38 -25.93 34.56
C THR B 119 30.25 -26.39 35.99
N LYS B 120 29.94 -25.45 36.87
CA LYS B 120 29.77 -25.73 38.29
C LYS B 120 28.29 -25.56 38.68
N ARG B 121 27.72 -24.40 38.35
CA ARG B 121 26.32 -24.13 38.68
C ARG B 121 25.52 -25.41 38.52
N GLU B 122 25.13 -25.99 39.66
CA GLU B 122 24.39 -27.25 39.64
C GLU B 122 23.05 -27.28 38.91
N VAL B 123 23.10 -27.90 37.74
CA VAL B 123 21.95 -28.11 36.87
C VAL B 123 22.27 -29.45 36.23
N ASP B 124 23.49 -29.91 36.53
CA ASP B 124 24.05 -31.18 36.05
C ASP B 124 23.44 -31.68 34.75
N SER B 125 22.56 -32.67 34.85
CA SER B 125 21.92 -33.26 33.68
C SER B 125 22.93 -33.94 32.76
N LYS B 126 22.46 -34.90 31.98
CA LYS B 126 23.31 -35.66 31.06
C LYS B 126 23.91 -34.76 29.98
N PRO B 127 25.04 -35.17 29.39
CA PRO B 127 25.73 -34.42 28.34
C PRO B 127 24.81 -33.99 27.18
N LEU B 128 24.51 -32.69 27.13
CA LEU B 128 23.68 -32.13 26.08
C LEU B 128 24.56 -31.72 24.90
N GLN B 129 25.72 -32.36 24.80
CA GLN B 129 26.66 -32.08 23.73
C GLN B 129 25.93 -32.17 22.38
N GLU B 130 24.82 -32.91 22.38
CA GLU B 130 24.01 -33.09 21.18
C GLU B 130 23.03 -31.94 20.98
N ILE B 131 22.32 -31.58 22.05
CA ILE B 131 21.35 -30.49 21.99
C ILE B 131 22.10 -29.18 21.71
N PHE B 132 23.42 -29.24 21.77
CA PHE B 132 24.27 -28.07 21.54
C PHE B 132 24.94 -28.20 20.17
N HIS B 133 24.98 -29.43 19.65
CA HIS B 133 25.56 -29.71 18.34
C HIS B 133 24.52 -29.35 17.28
N ARG B 134 23.26 -29.60 17.62
CA ARG B 134 22.14 -29.31 16.73
C ARG B 134 22.11 -27.82 16.43
N TYR B 135 22.96 -27.06 17.11
CA TYR B 135 23.03 -25.62 16.91
C TYR B 135 23.94 -25.32 15.71
N LYS B 136 24.65 -26.34 15.25
CA LYS B 136 25.52 -26.21 14.08
C LYS B 136 24.67 -26.74 12.93
N LYS B 137 23.60 -27.45 13.30
CA LYS B 137 22.64 -28.04 12.38
C LYS B 137 21.56 -27.00 12.05
N GLY B 138 20.37 -27.18 12.61
CA GLY B 138 19.29 -26.24 12.35
C GLY B 138 18.66 -25.67 13.61
N GLU B 139 18.79 -24.36 13.78
CA GLU B 139 18.24 -23.66 14.95
C GLU B 139 17.60 -22.32 14.56
N ILE B 140 17.22 -21.56 15.58
CA ILE B 140 16.60 -20.26 15.39
C ILE B 140 16.94 -19.34 16.57
N ASP B 141 16.01 -18.44 16.89
CA ASP B 141 16.21 -17.52 18.00
C ASP B 141 15.42 -17.98 19.22
N GLY B 142 14.10 -18.12 19.04
CA GLY B 142 13.24 -18.55 20.12
C GLY B 142 13.50 -19.97 20.55
N ASP B 143 14.57 -20.56 20.02
CA ASP B 143 14.95 -21.93 20.35
C ASP B 143 15.64 -21.96 21.71
N ASP B 144 15.68 -20.80 22.38
CA ASP B 144 16.29 -20.69 23.70
C ASP B 144 15.33 -21.25 24.74
N LEU B 145 14.04 -21.11 24.48
CA LEU B 145 12.99 -21.61 25.36
C LEU B 145 12.91 -23.12 25.10
N SER B 146 14.06 -23.73 24.83
CA SER B 146 14.13 -25.16 24.55
C SER B 146 15.19 -25.86 25.39
N TYR B 147 16.46 -25.69 25.02
CA TYR B 147 17.56 -26.30 25.74
C TYR B 147 17.71 -25.75 27.16
N LEU B 148 16.58 -25.57 27.82
CA LEU B 148 16.55 -25.04 29.18
C LEU B 148 15.21 -25.39 29.82
N ILE B 149 14.12 -24.91 29.22
CA ILE B 149 12.78 -25.17 29.73
C ILE B 149 12.45 -26.66 29.66
N ALA B 150 13.09 -27.34 28.71
CA ALA B 150 12.90 -28.78 28.53
C ALA B 150 14.27 -29.45 28.44
N GLU B 151 15.10 -29.21 29.45
CA GLU B 151 16.45 -29.75 29.49
C GLU B 151 16.92 -29.78 30.94
N VAL B 152 17.73 -28.78 31.29
CA VAL B 152 18.25 -28.67 32.65
C VAL B 152 17.23 -27.93 33.52
N LEU B 153 15.95 -28.26 33.33
CA LEU B 153 14.86 -27.65 34.09
C LEU B 153 14.90 -26.12 34.01
N ASP B 154 14.00 -25.47 34.76
CA ASP B 154 13.90 -24.02 34.78
C ASP B 154 13.09 -23.50 33.59
N VAL B 155 11.84 -23.15 33.85
CA VAL B 155 10.94 -22.64 32.81
C VAL B 155 11.50 -21.43 32.06
N ASP B 156 11.04 -21.27 30.82
CA ASP B 156 11.44 -20.17 29.94
C ASP B 156 12.89 -19.70 30.11
N ASP B 157 13.15 -18.46 29.73
CA ASP B 157 14.49 -17.89 29.83
C ASP B 157 14.78 -17.25 31.19
N ILE B 158 14.49 -18.00 32.25
CA ILE B 158 14.74 -17.51 33.60
C ILE B 158 16.23 -17.67 33.90
N THR B 159 16.76 -18.81 33.50
CA THR B 159 18.17 -19.11 33.70
C THR B 159 18.79 -19.46 32.36
N ALA B 160 17.95 -19.43 31.33
CA ALA B 160 18.40 -19.74 29.97
C ALA B 160 19.29 -18.62 29.44
N VAL B 161 18.86 -17.38 29.65
CA VAL B 161 19.62 -16.23 29.18
C VAL B 161 20.95 -16.08 29.91
N LYS B 162 20.92 -16.22 31.24
CA LYS B 162 22.13 -16.07 32.06
C LYS B 162 23.07 -17.27 32.04
N ILE B 163 22.54 -18.48 31.87
CA ILE B 163 23.39 -19.66 31.84
C ILE B 163 24.36 -19.55 30.67
N LEU B 164 23.93 -18.81 29.63
CA LEU B 164 24.74 -18.61 28.43
C LEU B 164 25.95 -17.73 28.73
N ASP B 165 25.69 -16.54 29.27
CA ASP B 165 26.72 -15.57 29.58
C ASP B 165 27.84 -16.06 30.49
N GLU B 166 27.48 -16.57 31.66
CA GLU B 166 28.47 -17.04 32.62
C GLU B 166 28.95 -18.47 32.48
N VAL B 167 28.83 -19.04 31.28
CA VAL B 167 29.29 -20.40 31.04
C VAL B 167 30.00 -20.52 29.69
N PHE B 168 29.56 -19.73 28.71
CA PHE B 168 30.17 -19.77 27.37
C PHE B 168 30.40 -18.39 26.77
N PRO B 169 31.57 -17.77 27.05
CA PRO B 169 31.85 -16.45 26.49
C PRO B 169 32.11 -16.59 24.98
N GLU B 170 31.86 -17.78 24.47
CA GLU B 170 32.07 -18.11 23.06
C GLU B 170 31.13 -17.39 22.09
N PHE B 171 29.90 -17.14 22.53
CA PHE B 171 28.91 -16.46 21.70
C PHE B 171 29.27 -14.99 21.52
N LYS B 172 29.86 -14.41 22.56
CA LYS B 172 30.26 -13.01 22.56
C LYS B 172 31.42 -12.68 21.61
N GLU B 173 31.91 -13.68 20.88
CA GLU B 173 33.03 -13.46 19.97
C GLU B 173 32.56 -13.18 18.53
N LEU B 174 31.64 -14.01 18.06
CA LEU B 174 31.07 -13.94 16.72
C LEU B 174 31.15 -12.62 15.94
N LYS B 175 31.53 -12.72 14.66
CA LYS B 175 31.63 -11.58 13.77
C LYS B 175 31.00 -11.94 12.41
N PRO B 176 30.17 -11.04 11.84
CA PRO B 176 29.54 -11.35 10.56
C PRO B 176 30.50 -11.66 9.40
N ILE B 177 30.08 -12.58 8.54
CA ILE B 177 30.86 -12.99 7.39
C ILE B 177 30.11 -12.66 6.10
N SER B 178 30.68 -11.79 5.29
CA SER B 178 30.06 -11.38 4.04
C SER B 178 29.78 -12.59 3.15
N SER B 179 28.96 -12.36 2.13
CA SER B 179 28.58 -13.38 1.17
C SER B 179 28.63 -12.68 -0.17
N THR B 180 28.11 -13.33 -1.21
CA THR B 180 28.11 -12.75 -2.55
C THR B 180 26.73 -12.16 -2.85
N LEU B 181 25.82 -12.34 -1.91
CA LEU B 181 24.47 -11.82 -2.07
C LEU B 181 24.48 -10.30 -1.90
N THR B 182 23.76 -9.62 -2.77
CA THR B 182 23.69 -8.18 -2.71
C THR B 182 22.24 -7.68 -2.74
N LEU B 183 22.05 -6.41 -2.40
CA LEU B 183 20.75 -5.75 -2.43
C LEU B 183 20.70 -4.92 -3.72
N ARG B 184 19.68 -5.12 -4.55
CA ARG B 184 19.60 -4.35 -5.79
C ARG B 184 19.80 -2.83 -5.55
N SER B 185 20.58 -2.17 -6.41
CA SER B 185 20.81 -0.73 -6.27
C SER B 185 19.85 0.05 -7.15
N HIS B 186 19.08 -0.66 -7.97
CA HIS B 186 18.04 -0.10 -8.82
C HIS B 186 17.18 -1.26 -9.34
N MET B 187 15.94 -0.99 -9.70
CA MET B 187 15.05 -2.06 -10.15
C MET B 187 15.62 -2.92 -11.28
N THR B 188 16.42 -2.31 -12.14
CA THR B 188 16.99 -3.01 -13.26
C THR B 188 17.66 -4.36 -12.96
N THR B 189 18.52 -4.40 -11.95
CA THR B 189 19.18 -5.64 -11.57
C THR B 189 18.17 -6.78 -11.48
N GLY B 190 16.98 -6.49 -10.96
CA GLY B 190 15.95 -7.51 -10.84
C GLY B 190 15.04 -7.69 -12.06
N TRP B 191 14.90 -6.67 -12.91
CA TRP B 191 14.04 -6.82 -14.08
C TRP B 191 14.51 -7.95 -14.99
N PHE B 192 15.80 -7.95 -15.32
CA PHE B 192 16.38 -8.99 -16.19
C PHE B 192 15.96 -10.40 -15.77
N ILE B 193 16.14 -10.72 -14.50
CA ILE B 193 15.76 -12.02 -13.98
C ILE B 193 14.27 -12.26 -14.26
N THR B 194 13.42 -11.36 -13.79
CA THR B 194 11.98 -11.50 -14.02
C THR B 194 11.66 -11.69 -15.50
N LEU B 195 12.26 -10.87 -16.35
CA LEU B 195 12.01 -10.95 -17.79
C LEU B 195 12.52 -12.22 -18.49
N SER B 196 13.56 -12.83 -17.93
CA SER B 196 14.10 -14.05 -18.53
C SER B 196 13.09 -15.21 -18.49
N HIS B 197 12.10 -15.14 -17.61
CA HIS B 197 11.10 -16.20 -17.53
C HIS B 197 9.87 -15.97 -18.40
N ILE B 198 9.73 -14.80 -19.01
CA ILE B 198 8.52 -14.55 -19.80
C ILE B 198 8.60 -13.76 -21.09
N ALA B 199 9.72 -13.12 -21.36
CA ALA B 199 9.82 -12.30 -22.57
C ALA B 199 9.41 -13.02 -23.86
N ASP B 200 9.47 -14.35 -23.88
CA ASP B 200 9.08 -15.08 -25.09
C ASP B 200 7.83 -15.96 -24.96
N LYS B 201 7.15 -15.94 -23.81
CA LYS B 201 5.94 -16.76 -23.62
C LYS B 201 4.70 -15.93 -23.41
N LEU B 202 4.82 -14.60 -23.49
CA LEU B 202 3.64 -13.75 -23.30
C LEU B 202 3.38 -12.90 -24.53
N PRO B 203 2.12 -12.57 -24.77
CA PRO B 203 1.78 -11.75 -25.93
C PRO B 203 2.42 -10.37 -25.89
N LEU B 204 3.09 -10.01 -26.97
CA LEU B 204 3.73 -8.71 -27.08
C LEU B 204 2.69 -7.67 -27.47
N PRO B 205 2.82 -6.44 -26.94
CA PRO B 205 3.89 -6.01 -26.04
C PRO B 205 3.60 -6.34 -24.60
N ILE B 206 4.67 -6.49 -23.83
CA ILE B 206 4.57 -6.79 -22.41
C ILE B 206 4.84 -5.50 -21.64
N LYS B 207 3.88 -5.10 -20.80
CA LYS B 207 4.00 -3.87 -20.00
C LYS B 207 3.91 -4.17 -18.52
N LEU B 208 5.05 -4.10 -17.83
CA LEU B 208 5.07 -4.38 -16.40
C LEU B 208 5.65 -3.26 -15.56
N PHE B 209 5.18 -3.14 -14.33
CA PHE B 209 5.74 -2.12 -13.44
C PHE B 209 5.89 -2.64 -12.03
N SER B 210 6.69 -1.90 -11.27
CA SER B 210 6.90 -2.20 -9.88
C SER B 210 7.46 -0.98 -9.15
N ILE B 211 6.85 -0.65 -8.01
CA ILE B 211 7.31 0.47 -7.19
C ILE B 211 7.77 -0.21 -5.90
N ASP B 212 9.08 -0.25 -5.68
CA ASP B 212 9.60 -0.93 -4.51
C ASP B 212 10.96 -0.38 -4.05
N ARG B 213 11.47 -0.93 -2.96
CA ARG B 213 12.74 -0.50 -2.40
C ARG B 213 14.02 -0.99 -3.08
N CYS B 214 15.02 -0.14 -3.05
CA CYS B 214 16.36 -0.40 -3.57
C CYS B 214 17.32 0.16 -2.52
N PHE B 215 18.59 -0.21 -2.62
CA PHE B 215 19.59 0.26 -1.69
C PHE B 215 20.84 0.71 -2.44
N ARG B 216 21.51 1.72 -1.90
CA ARG B 216 22.69 2.26 -2.56
C ARG B 216 23.47 3.21 -1.66
N ARG B 217 24.66 2.79 -1.23
CA ARG B 217 25.51 3.61 -0.38
C ARG B 217 25.99 4.87 -1.11
N GLU B 218 26.21 5.94 -0.35
CA GLU B 218 26.65 7.21 -0.92
C GLU B 218 27.47 8.04 0.06
N GLN B 219 28.79 7.95 -0.06
CA GLN B 219 29.72 8.70 0.80
C GLN B 219 29.54 8.38 2.28
N GLY B 220 28.65 7.43 2.59
CA GLY B 220 28.40 7.08 3.98
C GLY B 220 27.84 8.29 4.70
N GLU B 221 26.76 8.84 4.16
CA GLU B 221 26.13 10.02 4.72
C GLU B 221 24.60 10.00 4.54
N ASP B 222 23.92 10.92 5.21
CA ASP B 222 22.47 11.03 5.14
C ASP B 222 22.09 12.36 4.49
N ALA B 223 22.86 13.41 4.81
CA ALA B 223 22.63 14.74 4.27
C ALA B 223 23.08 14.84 2.81
N THR B 224 23.72 13.78 2.32
CA THR B 224 24.20 13.73 0.95
C THR B 224 23.41 12.69 0.15
N ARG B 225 22.73 11.80 0.87
CA ARG B 225 21.93 10.75 0.25
C ARG B 225 21.39 9.81 1.31
N LEU B 226 20.40 8.99 0.93
CA LEU B 226 19.80 8.01 1.83
C LEU B 226 20.23 6.62 1.38
N TYR B 227 20.36 5.69 2.33
CA TYR B 227 20.79 4.34 1.97
C TYR B 227 19.73 3.50 1.23
N THR B 228 18.46 3.77 1.50
CA THR B 228 17.38 3.06 0.82
C THR B 228 16.46 4.09 0.18
N TYR B 229 15.81 3.71 -0.91
CA TYR B 229 14.89 4.60 -1.59
C TYR B 229 13.91 3.78 -2.42
N PHE B 230 12.91 4.44 -2.99
CA PHE B 230 11.92 3.74 -3.79
C PHE B 230 12.04 4.14 -5.24
N SER B 231 11.96 3.14 -6.11
CA SER B 231 12.00 3.41 -7.53
C SER B 231 10.67 2.97 -8.12
N ALA B 232 10.01 3.88 -8.84
CA ALA B 232 8.73 3.57 -9.50
C ALA B 232 9.21 3.18 -10.88
N SER B 233 9.37 1.88 -11.10
CA SER B 233 9.94 1.44 -12.37
C SER B 233 9.02 0.63 -13.27
N CYS B 234 9.40 0.56 -14.55
CA CYS B 234 8.60 -0.17 -15.52
C CYS B 234 9.48 -0.62 -16.67
N VAL B 235 8.96 -1.61 -17.40
CA VAL B 235 9.61 -2.15 -18.58
C VAL B 235 8.55 -2.38 -19.64
N LEU B 236 8.95 -2.17 -20.88
CA LEU B 236 8.08 -2.35 -22.04
C LEU B 236 8.84 -3.31 -22.94
N VAL B 237 8.21 -4.42 -23.34
CA VAL B 237 8.86 -5.37 -24.22
C VAL B 237 8.08 -5.46 -25.50
N ASP B 238 8.74 -5.25 -26.62
CA ASP B 238 8.08 -5.32 -27.92
C ASP B 238 9.13 -5.59 -28.99
N GLU B 239 8.70 -5.83 -30.22
CA GLU B 239 9.65 -6.11 -31.29
C GLU B 239 10.36 -4.85 -31.75
N GLU B 240 9.59 -3.77 -31.93
CA GLU B 240 10.12 -2.48 -32.39
C GLU B 240 10.07 -1.40 -31.29
N LEU B 241 11.22 -0.89 -30.88
CA LEU B 241 11.26 0.13 -29.85
C LEU B 241 12.33 1.19 -30.11
N SER B 242 12.05 2.41 -29.68
CA SER B 242 12.98 3.51 -29.82
C SER B 242 12.76 4.45 -28.67
N VAL B 243 13.67 5.41 -28.52
CA VAL B 243 13.62 6.39 -27.45
C VAL B 243 12.25 7.07 -27.36
N ASP B 244 11.50 7.04 -28.46
CA ASP B 244 10.18 7.65 -28.45
C ASP B 244 9.20 6.94 -27.53
N ASP B 245 9.41 5.66 -27.30
CA ASP B 245 8.51 4.93 -26.41
C ASP B 245 8.78 5.33 -24.98
N GLY B 246 10.02 5.72 -24.74
CA GLY B 246 10.39 6.15 -23.40
C GLY B 246 9.77 7.51 -23.14
N LYS B 247 9.81 8.37 -24.15
CA LYS B 247 9.25 9.70 -24.03
C LYS B 247 7.74 9.64 -23.84
N ALA B 248 7.08 8.85 -24.70
CA ALA B 248 5.63 8.74 -24.61
C ALA B 248 5.18 8.20 -23.25
N VAL B 249 5.97 7.29 -22.69
CA VAL B 249 5.64 6.73 -21.40
C VAL B 249 5.87 7.76 -20.29
N ALA B 250 7.00 8.46 -20.35
CA ALA B 250 7.31 9.48 -19.34
C ALA B 250 6.21 10.53 -19.29
N GLU B 251 5.74 10.96 -20.46
CA GLU B 251 4.69 11.96 -20.49
C GLU B 251 3.34 11.44 -19.97
N ALA B 252 2.92 10.27 -20.43
CA ALA B 252 1.63 9.72 -20.01
C ALA B 252 1.60 9.48 -18.51
N LEU B 253 2.76 9.18 -17.95
CA LEU B 253 2.84 8.93 -16.53
C LEU B 253 2.88 10.25 -15.76
N LEU B 254 3.85 11.10 -16.08
CA LEU B 254 4.06 12.38 -15.42
C LEU B 254 2.88 13.36 -15.54
N ARG B 255 2.19 13.32 -16.68
CA ARG B 255 1.06 14.21 -16.90
C ARG B 255 -0.03 13.99 -15.87
N GLN B 256 -0.07 12.79 -15.28
CA GLN B 256 -1.10 12.49 -14.30
C GLN B 256 -0.78 13.08 -12.93
N PHE B 257 0.40 13.65 -12.81
CA PHE B 257 0.83 14.25 -11.55
C PHE B 257 0.97 15.75 -11.67
N GLY B 258 0.32 16.33 -12.69
CA GLY B 258 0.36 17.77 -12.87
C GLY B 258 1.48 18.39 -13.71
N PHE B 259 2.42 17.60 -14.23
CA PHE B 259 3.47 18.19 -15.07
C PHE B 259 2.85 18.49 -16.44
N GLU B 260 3.36 19.52 -17.12
CA GLU B 260 2.79 19.89 -18.41
C GLU B 260 3.73 20.05 -19.59
N ASN B 261 5.04 19.92 -19.36
CA ASN B 261 5.97 20.08 -20.45
C ASN B 261 7.20 19.24 -20.17
N PHE B 262 7.79 18.68 -21.22
CA PHE B 262 8.96 17.83 -21.05
C PHE B 262 10.11 18.09 -22.01
N ARG B 263 11.31 17.84 -21.52
CA ARG B 263 12.51 18.00 -22.31
C ARG B 263 13.38 16.80 -21.96
N PHE B 264 14.09 16.27 -22.96
CA PHE B 264 14.96 15.13 -22.73
C PHE B 264 16.37 15.37 -23.25
N ARG B 265 17.37 15.02 -22.44
CA ARG B 265 18.74 15.18 -22.86
C ARG B 265 19.42 13.82 -22.74
N LYS B 266 20.52 13.63 -23.48
CA LYS B 266 21.30 12.40 -23.42
C LYS B 266 22.13 12.42 -22.14
N ASP B 267 22.17 11.29 -21.46
CA ASP B 267 22.92 11.18 -20.21
C ASP B 267 24.41 10.92 -20.42
N GLU B 268 25.24 11.80 -19.89
CA GLU B 268 26.69 11.68 -20.02
C GLU B 268 27.26 10.34 -19.56
N LYS B 269 26.55 9.65 -18.66
CA LYS B 269 27.02 8.36 -18.16
C LYS B 269 27.18 7.33 -19.30
N ARG B 270 26.16 7.22 -20.14
CA ARG B 270 26.17 6.25 -21.23
C ARG B 270 26.48 4.88 -20.64
N SER B 271 25.72 4.49 -19.64
CA SER B 271 25.91 3.20 -18.96
C SER B 271 25.88 2.01 -19.91
N LYS B 272 26.70 1.01 -19.59
CA LYS B 272 26.82 -0.19 -20.40
C LYS B 272 25.60 -1.10 -20.60
N TYR B 273 24.65 -1.10 -19.68
CA TYR B 273 23.49 -1.97 -19.84
C TYR B 273 22.44 -1.35 -20.75
N TYR B 274 22.74 -0.18 -21.29
CA TYR B 274 21.84 0.52 -22.19
C TYR B 274 22.47 0.68 -23.56
N ILE B 275 21.65 0.55 -24.61
CA ILE B 275 22.13 0.73 -25.98
C ILE B 275 22.74 2.13 -26.08
N PRO B 276 23.95 2.24 -26.65
CA PRO B 276 24.58 3.56 -26.79
C PRO B 276 23.61 4.62 -27.31
N ASP B 277 23.66 5.80 -26.68
CA ASP B 277 22.80 6.92 -27.05
C ASP B 277 21.30 6.76 -26.78
N THR B 278 20.91 5.79 -25.97
CA THR B 278 19.49 5.65 -25.66
C THR B 278 19.20 6.14 -24.24
N GLN B 279 20.23 6.14 -23.39
CA GLN B 279 20.05 6.56 -22.00
C GLN B 279 19.74 8.05 -21.96
N THR B 280 18.46 8.33 -21.75
CA THR B 280 17.96 9.69 -21.71
C THR B 280 17.58 10.15 -20.30
N GLU B 281 17.78 11.44 -20.02
CA GLU B 281 17.40 12.03 -18.74
C GLU B 281 16.12 12.80 -19.02
N VAL B 282 15.13 12.71 -18.14
CA VAL B 282 13.92 13.46 -18.42
C VAL B 282 13.67 14.64 -17.47
N PHE B 283 13.48 15.81 -18.06
CA PHE B 283 13.21 17.05 -17.33
C PHE B 283 11.76 17.44 -17.56
N ALA B 284 11.06 17.77 -16.47
CA ALA B 284 9.65 18.14 -16.57
C ALA B 284 9.33 19.44 -15.86
N PHE B 285 8.28 20.07 -16.34
CA PHE B 285 7.83 21.33 -15.82
C PHE B 285 6.58 21.22 -14.99
N HIS B 286 6.67 21.68 -13.74
CA HIS B 286 5.52 21.67 -12.84
C HIS B 286 5.21 23.06 -12.29
N PRO B 287 3.95 23.48 -12.40
CA PRO B 287 3.51 24.78 -11.90
C PRO B 287 3.92 25.01 -10.43
N LYS B 288 3.54 24.10 -9.55
CA LYS B 288 3.88 24.22 -8.12
C LYS B 288 5.33 24.65 -7.89
N LEU B 289 6.19 24.42 -8.87
CA LEU B 289 7.59 24.78 -8.70
C LEU B 289 7.97 26.19 -9.13
N VAL B 290 7.15 26.81 -9.98
CA VAL B 290 7.46 28.16 -10.46
C VAL B 290 7.32 29.18 -9.34
N GLY B 291 8.28 30.10 -9.29
CA GLY B 291 8.25 31.13 -8.27
C GLY B 291 8.71 30.55 -6.94
N SER B 292 9.03 29.26 -6.95
CA SER B 292 9.50 28.58 -5.75
C SER B 292 10.87 29.10 -5.37
N SER B 293 11.17 29.07 -4.07
CA SER B 293 12.45 29.53 -3.55
C SER B 293 13.55 28.52 -3.85
N THR B 294 13.12 27.32 -4.22
CA THR B 294 14.02 26.23 -4.54
C THR B 294 14.96 26.59 -5.69
N LYS B 295 15.76 25.60 -6.10
CA LYS B 295 16.71 25.77 -7.19
C LYS B 295 15.96 25.57 -8.50
N TYR B 296 14.66 25.33 -8.39
CA TYR B 296 13.80 25.10 -9.54
C TYR B 296 12.80 26.24 -9.70
N SER B 297 13.30 27.47 -9.57
CA SER B 297 12.48 28.67 -9.68
C SER B 297 11.64 28.69 -10.94
N ASP B 298 12.23 28.25 -12.05
CA ASP B 298 11.53 28.21 -13.33
C ASP B 298 10.55 27.05 -13.51
N GLY B 299 10.43 26.21 -12.49
CA GLY B 299 9.50 25.07 -12.56
C GLY B 299 9.95 23.80 -13.27
N TRP B 300 11.23 23.73 -13.65
CA TRP B 300 11.77 22.57 -14.33
C TRP B 300 12.65 21.75 -13.39
N ILE B 301 12.54 20.43 -13.47
CA ILE B 301 13.33 19.55 -12.62
C ILE B 301 13.55 18.20 -13.29
N GLU B 302 14.69 17.57 -13.02
CA GLU B 302 14.96 16.24 -13.56
C GLU B 302 14.17 15.27 -12.69
N ILE B 303 13.19 14.61 -13.28
CA ILE B 303 12.30 13.71 -12.54
C ILE B 303 12.42 12.20 -12.86
N ALA B 304 13.06 11.83 -13.94
CA ALA B 304 13.20 10.42 -14.26
C ALA B 304 14.33 10.16 -15.28
N THR B 305 14.56 8.88 -15.58
CA THR B 305 15.60 8.50 -16.53
C THR B 305 15.14 7.21 -17.19
N PHE B 306 15.54 6.99 -18.43
CA PHE B 306 15.15 5.79 -19.14
C PHE B 306 16.16 5.41 -20.21
N GLY B 307 15.94 4.27 -20.84
CA GLY B 307 16.82 3.81 -21.89
C GLY B 307 16.33 2.50 -22.48
N ILE B 308 17.12 1.93 -23.38
CA ILE B 308 16.76 0.65 -23.96
C ILE B 308 17.90 -0.32 -23.66
N TYR B 309 17.57 -1.40 -22.97
CA TYR B 309 18.55 -2.40 -22.56
C TYR B 309 19.44 -2.88 -23.70
N SER B 310 20.74 -2.97 -23.43
CA SER B 310 21.70 -3.43 -24.41
C SER B 310 21.50 -4.91 -24.73
N PRO B 311 21.35 -5.25 -26.03
CA PRO B 311 21.18 -6.66 -26.41
C PRO B 311 22.28 -7.53 -25.83
N THR B 312 23.41 -6.90 -25.50
CA THR B 312 24.54 -7.60 -24.89
C THR B 312 24.06 -8.13 -23.54
N ALA B 313 23.33 -7.30 -22.81
CA ALA B 313 22.82 -7.67 -21.50
C ALA B 313 21.61 -8.58 -21.62
N LEU B 314 20.71 -8.34 -22.56
CA LEU B 314 19.53 -9.18 -22.73
C LEU B 314 19.93 -10.62 -22.99
N ALA B 315 21.00 -10.79 -23.76
CA ALA B 315 21.50 -12.11 -24.13
C ALA B 315 21.89 -12.93 -22.90
N GLU B 316 22.47 -12.27 -21.92
CA GLU B 316 22.89 -12.94 -20.69
C GLU B 316 21.74 -13.63 -19.96
N TYR B 317 20.51 -13.37 -20.38
CA TYR B 317 19.33 -13.97 -19.76
C TYR B 317 18.46 -14.57 -20.85
N ASP B 318 19.04 -14.62 -22.04
CA ASP B 318 18.38 -15.17 -23.21
C ASP B 318 17.12 -14.42 -23.63
N ILE B 319 17.10 -13.10 -23.47
CA ILE B 319 15.93 -12.32 -23.88
C ILE B 319 16.23 -11.86 -25.29
N PRO B 320 15.39 -12.26 -26.25
CA PRO B 320 15.47 -11.97 -27.69
C PRO B 320 14.82 -10.70 -28.21
N TYR B 321 14.16 -9.95 -27.34
CA TYR B 321 13.47 -8.73 -27.75
C TYR B 321 13.98 -7.45 -27.11
N PRO B 322 13.83 -6.33 -27.81
CA PRO B 322 14.30 -5.09 -27.18
C PRO B 322 13.33 -4.69 -26.06
N VAL B 323 13.87 -4.02 -25.05
CA VAL B 323 13.04 -3.59 -23.94
C VAL B 323 13.41 -2.19 -23.51
N MET B 324 12.37 -1.40 -23.27
CA MET B 324 12.54 -0.03 -22.82
C MET B 324 12.32 -0.04 -21.31
N ASN B 325 13.20 0.64 -20.58
CA ASN B 325 13.11 0.72 -19.11
C ASN B 325 13.16 2.16 -18.62
N LEU B 326 12.12 2.56 -17.89
CA LEU B 326 11.99 3.92 -17.34
C LEU B 326 11.88 3.81 -15.82
N GLY B 327 12.66 4.63 -15.12
CA GLY B 327 12.64 4.64 -13.67
C GLY B 327 12.42 6.04 -13.13
N LEU B 328 11.64 6.15 -12.06
CA LEU B 328 11.32 7.44 -11.46
C LEU B 328 11.64 7.35 -9.97
N GLY B 329 12.39 8.32 -9.46
CA GLY B 329 12.72 8.33 -8.03
C GLY B 329 11.53 8.90 -7.29
N VAL B 330 10.92 8.07 -6.47
CA VAL B 330 9.73 8.44 -5.71
C VAL B 330 9.89 9.59 -4.73
N GLU B 331 10.95 9.55 -3.92
CA GLU B 331 11.19 10.59 -2.92
C GLU B 331 11.08 12.00 -3.47
N ARG B 332 11.76 12.26 -4.57
CA ARG B 332 11.71 13.57 -5.18
C ARG B 332 10.31 13.99 -5.62
N LEU B 333 9.57 13.07 -6.22
CA LEU B 333 8.21 13.37 -6.67
C LEU B 333 7.34 13.72 -5.48
N ALA B 334 7.53 13.00 -4.37
CA ALA B 334 6.75 13.23 -3.16
C ALA B 334 7.00 14.62 -2.61
N MET B 335 8.27 15.05 -2.63
CA MET B 335 8.65 16.37 -2.14
C MET B 335 7.92 17.46 -2.90
N ILE B 336 7.83 17.29 -4.21
CA ILE B 336 7.16 18.24 -5.08
C ILE B 336 5.68 18.26 -4.77
N LEU B 337 5.05 17.09 -4.80
CA LEU B 337 3.62 16.98 -4.55
C LEU B 337 3.16 17.49 -3.18
N TYR B 338 3.92 17.20 -2.13
CA TYR B 338 3.54 17.62 -0.79
C TYR B 338 4.38 18.78 -0.22
N GLY B 339 5.10 19.45 -1.11
CA GLY B 339 5.91 20.59 -0.71
C GLY B 339 6.98 20.43 0.34
N TYR B 340 8.06 19.72 0.01
CA TYR B 340 9.16 19.56 0.94
C TYR B 340 10.47 19.94 0.26
N ASP B 341 11.44 20.42 1.05
CA ASP B 341 12.73 20.82 0.50
C ASP B 341 13.83 19.84 0.88
N ASP B 342 13.67 19.18 2.02
CA ASP B 342 14.67 18.23 2.47
C ASP B 342 14.13 16.80 2.56
N VAL B 343 14.75 15.91 1.80
CA VAL B 343 14.35 14.51 1.78
C VAL B 343 14.16 13.96 3.17
N ARG B 344 15.19 14.12 4.00
CA ARG B 344 15.18 13.61 5.37
C ARG B 344 14.00 14.05 6.20
N LYS B 345 13.64 15.33 6.11
CA LYS B 345 12.52 15.83 6.87
C LYS B 345 11.20 15.29 6.32
N MET B 346 11.16 15.07 5.01
CA MET B 346 9.99 14.55 4.33
C MET B 346 9.65 13.13 4.75
N VAL B 347 10.64 12.24 4.77
CA VAL B 347 10.33 10.87 5.12
C VAL B 347 10.53 10.51 6.59
N TYR B 348 11.39 11.26 7.29
CA TYR B 348 11.64 10.99 8.71
C TYR B 348 11.38 12.19 9.63
N PRO B 349 10.19 12.81 9.52
CA PRO B 349 9.84 13.98 10.35
C PRO B 349 10.01 13.81 11.86
N GLN B 350 9.57 12.68 12.41
CA GLN B 350 9.68 12.45 13.84
C GLN B 350 11.14 12.52 14.29
N ILE B 351 12.00 11.80 13.59
CA ILE B 351 13.40 11.76 13.94
C ILE B 351 14.12 13.09 13.74
N HIS B 352 13.68 13.89 12.78
CA HIS B 352 14.36 15.16 12.56
C HIS B 352 13.72 16.37 13.22
N GLY B 353 12.92 16.12 14.26
CA GLY B 353 12.28 17.17 15.01
C GLY B 353 11.17 17.96 14.34
N GLU B 354 10.67 17.46 13.23
CA GLU B 354 9.60 18.18 12.55
C GLU B 354 8.20 17.74 12.99
N ILE B 355 7.86 17.91 14.25
CA ILE B 355 6.53 17.55 14.74
C ILE B 355 5.76 18.86 14.94
N LYS B 356 4.44 18.82 14.83
CA LYS B 356 3.65 20.03 14.97
C LYS B 356 2.20 19.82 15.39
N LEU B 357 1.70 20.76 16.17
CA LEU B 357 0.30 20.72 16.60
C LEU B 357 -0.25 22.04 16.07
N SER B 358 -1.53 22.09 15.72
CA SER B 358 -2.09 23.36 15.25
C SER B 358 -2.60 24.07 16.49
N ASP B 359 -2.90 25.36 16.35
CA ASP B 359 -3.42 26.12 17.47
C ASP B 359 -4.68 25.41 17.96
N LEU B 360 -5.49 24.96 17.01
CA LEU B 360 -6.72 24.26 17.36
C LEU B 360 -6.41 23.06 18.24
N ASP B 361 -5.38 22.29 17.89
CA ASP B 361 -4.97 21.12 18.70
C ASP B 361 -4.60 21.49 20.14
N ILE B 362 -3.83 22.57 20.30
CA ILE B 362 -3.41 23.03 21.61
C ILE B 362 -4.64 23.47 22.42
N ALA B 363 -5.49 24.27 21.81
CA ALA B 363 -6.71 24.73 22.47
C ALA B 363 -7.47 23.54 23.02
N ARG B 364 -7.62 22.51 22.21
CA ARG B 364 -8.33 21.31 22.66
C ARG B 364 -7.69 20.73 23.92
N GLU B 365 -6.37 20.86 24.03
CA GLU B 365 -5.64 20.31 25.18
C GLU B 365 -5.68 21.09 26.49
N ILE B 366 -6.26 22.30 26.45
CA ILE B 366 -6.36 23.15 27.65
C ILE B 366 -7.67 22.82 28.35
N LYS B 367 -7.54 22.13 29.48
CA LYS B 367 -8.68 21.68 30.27
C LYS B 367 -8.88 22.40 31.60
N VAL B 368 -10.06 22.18 32.19
CA VAL B 368 -10.41 22.73 33.47
C VAL B 368 -10.04 21.65 34.49
N LYS B 369 -9.19 22.01 35.44
CA LYS B 369 -8.73 21.10 36.48
C LYS B 369 -9.83 20.68 37.47
N GLU B 370 -10.33 21.62 38.26
CA GLU B 370 -11.37 21.33 39.24
C GLU B 370 -12.74 21.55 38.66
N VAL B 371 -13.58 20.53 38.70
CA VAL B 371 -14.94 20.66 38.16
C VAL B 371 -15.99 20.06 39.07
N PRO B 372 -17.05 20.83 39.35
CA PRO B 372 -18.17 20.41 40.19
C PRO B 372 -18.71 19.05 39.75
N GLN B 373 -18.85 18.14 40.71
CA GLN B 373 -19.36 16.80 40.43
C GLN B 373 -20.90 16.73 40.58
N THR B 374 -21.53 17.85 40.93
CA THR B 374 -22.99 17.93 41.12
C THR B 374 -23.68 18.85 40.12
N ALA B 375 -24.93 18.54 39.78
CA ALA B 375 -25.68 19.35 38.83
C ALA B 375 -25.95 20.74 39.42
N VAL B 376 -26.04 20.80 40.74
CA VAL B 376 -26.29 22.06 41.43
C VAL B 376 -24.98 22.84 41.51
N GLY B 377 -23.89 22.11 41.72
CA GLY B 377 -22.57 22.73 41.80
C GLY B 377 -22.30 23.51 40.53
N LEU B 378 -22.67 22.93 39.39
CA LEU B 378 -22.51 23.59 38.11
C LEU B 378 -23.35 24.84 38.12
N LYS B 379 -24.57 24.73 38.64
CA LYS B 379 -25.46 25.88 38.71
C LYS B 379 -24.79 26.94 39.57
N ILE B 380 -24.21 26.52 40.69
CA ILE B 380 -23.53 27.44 41.58
C ILE B 380 -22.43 28.21 40.85
N ALA B 381 -21.64 27.50 40.04
CA ALA B 381 -20.56 28.12 39.29
C ALA B 381 -21.11 29.12 38.27
N GLN B 382 -22.11 28.67 37.54
CA GLN B 382 -22.74 29.49 36.53
C GLN B 382 -23.20 30.81 37.15
N SER B 383 -23.81 30.72 38.32
CA SER B 383 -24.32 31.90 39.03
C SER B 383 -23.21 32.83 39.52
N ILE B 384 -22.07 32.25 39.93
CA ILE B 384 -20.95 33.04 40.39
C ILE B 384 -20.48 33.94 39.25
N VAL B 385 -20.27 33.33 38.08
CA VAL B 385 -19.82 34.06 36.90
C VAL B 385 -20.88 35.10 36.58
N GLU B 386 -22.14 34.67 36.68
CA GLU B 386 -23.27 35.54 36.40
C GLU B 386 -23.24 36.82 37.25
N THR B 387 -23.22 36.67 38.57
CA THR B 387 -23.21 37.85 39.44
C THR B 387 -21.89 38.62 39.31
N ALA B 388 -20.82 37.89 39.01
CA ALA B 388 -19.52 38.52 38.85
C ALA B 388 -19.54 39.42 37.62
N GLU B 389 -20.33 39.03 36.62
CA GLU B 389 -20.46 39.80 35.39
C GLU B 389 -21.36 41.01 35.59
N LYS B 390 -22.36 40.85 36.45
CA LYS B 390 -23.32 41.93 36.72
C LYS B 390 -22.77 43.06 37.58
N HIS B 391 -22.08 42.70 38.67
CA HIS B 391 -21.54 43.69 39.59
C HIS B 391 -20.02 43.69 39.67
N ALA B 392 -19.35 43.74 38.53
CA ALA B 392 -17.89 43.74 38.53
C ALA B 392 -17.28 45.11 38.82
N SER B 393 -18.11 46.15 38.83
CA SER B 393 -17.60 47.50 39.07
C SER B 393 -17.95 48.08 40.44
N GLU B 394 -18.80 47.40 41.19
CA GLU B 394 -19.20 47.85 42.53
C GLU B 394 -17.97 48.19 43.37
N PRO B 395 -17.95 49.40 43.94
CA PRO B 395 -16.83 49.85 44.77
C PRO B 395 -16.70 49.04 46.07
N SER B 396 -15.46 48.83 46.51
CA SER B 396 -15.18 48.07 47.72
C SER B 396 -15.39 48.87 49.01
N PRO B 397 -15.93 48.22 50.06
CA PRO B 397 -16.36 46.81 50.12
C PRO B 397 -17.75 46.59 49.57
N CYS B 398 -18.13 45.33 49.37
CA CYS B 398 -19.44 44.98 48.84
C CYS B 398 -19.66 43.47 48.88
N SER B 399 -20.90 43.04 48.66
CA SER B 399 -21.24 41.63 48.68
C SER B 399 -22.54 41.36 47.95
N PHE B 400 -22.63 40.19 47.31
CA PHE B 400 -23.81 39.84 46.56
C PHE B 400 -24.15 38.36 46.66
N LEU B 401 -25.44 38.07 46.84
CA LEU B 401 -25.90 36.69 46.92
C LEU B 401 -25.90 36.16 45.49
N ALA B 402 -25.08 35.16 45.22
CA ALA B 402 -25.00 34.59 43.90
C ALA B 402 -25.97 33.43 43.73
N PHE B 403 -26.01 32.57 44.73
CA PHE B 403 -26.90 31.42 44.68
C PHE B 403 -27.45 31.01 46.04
N GLU B 404 -28.74 30.65 46.03
CA GLU B 404 -29.46 30.21 47.23
C GLU B 404 -30.18 28.92 46.84
N GLY B 405 -29.87 27.82 47.54
CA GLY B 405 -30.51 26.55 47.21
C GLY B 405 -30.00 25.38 48.03
N GLU B 406 -30.55 24.20 47.76
CA GLU B 406 -30.17 23.00 48.51
C GLU B 406 -29.12 22.14 47.81
N MET B 407 -28.22 21.58 48.60
CA MET B 407 -27.14 20.74 48.10
C MET B 407 -26.81 19.70 49.17
N MET B 408 -27.11 18.44 48.88
CA MET B 408 -26.86 17.34 49.83
C MET B 408 -27.83 17.39 51.00
N GLY B 409 -28.96 18.06 50.82
CA GLY B 409 -29.94 18.16 51.89
C GLY B 409 -29.47 19.12 52.95
N ARG B 410 -28.74 20.15 52.52
CA ARG B 410 -28.18 21.15 53.42
C ARG B 410 -28.21 22.49 52.70
N ASN B 411 -29.20 23.33 53.01
CA ASN B 411 -29.34 24.64 52.37
C ASN B 411 -28.01 25.36 52.21
N VAL B 412 -27.85 26.07 51.11
CA VAL B 412 -26.62 26.80 50.82
C VAL B 412 -26.82 28.15 50.18
N ARG B 413 -25.95 29.09 50.54
CA ARG B 413 -25.97 30.43 49.97
C ARG B 413 -24.52 30.81 49.69
N VAL B 414 -24.25 31.12 48.42
CA VAL B 414 -22.91 31.49 47.97
C VAL B 414 -22.86 32.96 47.59
N TYR B 415 -21.79 33.63 48.04
CA TYR B 415 -21.63 35.06 47.77
C TYR B 415 -20.31 35.42 47.09
N VAL B 416 -20.36 36.43 46.23
CA VAL B 416 -19.19 36.96 45.54
C VAL B 416 -18.88 38.19 46.38
N VAL B 417 -17.62 38.37 46.77
CA VAL B 417 -17.29 39.53 47.61
C VAL B 417 -15.93 40.15 47.36
N GLU B 418 -15.69 41.27 48.03
CA GLU B 418 -14.43 42.01 47.97
C GLU B 418 -14.18 42.63 49.36
N GLU B 419 -13.26 42.02 50.11
CA GLU B 419 -12.92 42.48 51.46
C GLU B 419 -12.27 43.85 51.47
N GLU B 420 -11.09 43.95 50.85
CA GLU B 420 -10.33 45.19 50.78
C GLU B 420 -11.14 46.37 50.24
N GLU B 421 -10.69 47.57 50.55
CA GLU B 421 -11.38 48.78 50.12
C GLU B 421 -10.55 49.54 49.09
N ASN B 422 -11.20 50.52 48.45
CA ASN B 422 -10.56 51.36 47.45
C ASN B 422 -10.32 50.62 46.14
N THR B 423 -11.27 49.76 45.79
CA THR B 423 -11.18 48.99 44.56
C THR B 423 -12.58 48.49 44.22
N LYS B 424 -12.68 47.47 43.38
CA LYS B 424 -14.00 46.94 42.99
C LYS B 424 -14.15 45.45 43.24
N LEU B 425 -15.37 44.95 43.06
CA LEU B 425 -15.68 43.54 43.27
C LEU B 425 -14.70 42.62 42.56
N CYS B 426 -14.59 42.80 41.24
CA CYS B 426 -13.70 42.00 40.42
C CYS B 426 -12.45 42.76 39.97
N GLY B 427 -11.34 42.03 39.89
CA GLY B 427 -10.08 42.61 39.45
C GLY B 427 -10.23 42.99 38.00
N PRO B 428 -9.32 43.80 37.45
CA PRO B 428 -9.44 44.18 36.04
C PRO B 428 -9.27 43.08 34.99
N ALA B 429 -8.53 42.03 35.31
CA ALA B 429 -8.31 40.95 34.34
C ALA B 429 -9.27 39.76 34.51
N TYR B 430 -10.33 39.95 35.28
CA TYR B 430 -11.26 38.85 35.52
C TYR B 430 -11.93 38.28 34.27
N ALA B 431 -12.10 39.11 33.24
CA ALA B 431 -12.74 38.65 32.01
C ALA B 431 -11.77 38.27 30.92
N ASN B 432 -10.49 38.16 31.27
CA ASN B 432 -9.47 37.74 30.32
C ASN B 432 -9.78 36.34 29.78
N GLU B 433 -9.59 36.16 28.48
CA GLU B 433 -9.85 34.87 27.85
C GLU B 433 -8.54 34.18 27.43
N VAL B 434 -8.50 32.86 27.55
CA VAL B 434 -7.31 32.10 27.16
C VAL B 434 -7.40 31.83 25.66
N VAL B 435 -6.38 32.23 24.90
CA VAL B 435 -6.41 31.96 23.47
C VAL B 435 -5.06 31.46 22.98
N VAL B 436 -5.10 30.54 22.02
CA VAL B 436 -3.88 29.98 21.44
C VAL B 436 -3.63 30.70 20.11
N TYR B 437 -2.43 31.24 19.95
CA TYR B 437 -2.10 31.95 18.74
C TYR B 437 -0.64 31.71 18.37
N LYS B 438 -0.43 31.23 17.15
CA LYS B 438 0.90 30.93 16.64
C LYS B 438 1.75 30.15 17.64
N GLY B 439 1.20 29.07 18.17
CA GLY B 439 1.95 28.26 19.11
C GLY B 439 2.03 28.73 20.56
N ASP B 440 1.51 29.92 20.87
CA ASP B 440 1.57 30.39 22.25
C ASP B 440 0.21 30.40 22.89
N ILE B 441 0.19 30.32 24.22
CA ILE B 441 -1.05 30.35 24.96
C ILE B 441 -1.03 31.71 25.68
N TYR B 442 -2.01 32.55 25.39
CA TYR B 442 -2.12 33.89 26.00
C TYR B 442 -3.37 34.07 26.87
N GLY B 443 -3.20 34.80 27.97
CA GLY B 443 -4.31 35.11 28.86
C GLY B 443 -4.55 36.59 28.64
N ILE B 444 -5.48 36.92 27.74
CA ILE B 444 -5.72 38.31 27.40
C ILE B 444 -7.18 38.75 27.32
N PRO B 445 -7.41 40.08 27.29
CA PRO B 445 -8.72 40.70 27.21
C PRO B 445 -9.05 41.12 25.78
N LYS B 446 -10.32 41.07 25.42
CA LYS B 446 -10.73 41.46 24.08
C LYS B 446 -10.58 42.97 23.95
N THR B 447 -9.45 43.39 23.41
CA THR B 447 -9.14 44.80 23.22
C THR B 447 -8.61 44.97 21.82
N LYS B 448 -9.04 46.03 21.14
CA LYS B 448 -8.61 46.33 19.77
C LYS B 448 -7.11 46.00 19.62
N LYS B 449 -6.40 46.06 20.73
CA LYS B 449 -4.98 45.76 20.77
C LYS B 449 -4.72 44.29 20.41
N TRP B 450 -5.62 43.39 20.77
CA TRP B 450 -5.46 41.97 20.49
C TRP B 450 -6.41 41.37 19.45
N ARG B 451 -6.96 42.20 18.56
CA ARG B 451 -7.87 41.66 17.55
C ARG B 451 -7.23 40.49 16.83
N SER B 452 -6.03 40.73 16.33
CA SER B 452 -5.26 39.73 15.60
C SER B 452 -5.32 38.35 16.25
N PHE B 453 -5.11 38.30 17.56
CA PHE B 453 -5.14 37.03 18.28
C PHE B 453 -6.51 36.37 18.27
N PHE B 454 -7.54 37.12 18.63
CA PHE B 454 -8.87 36.53 18.64
C PHE B 454 -9.38 36.23 17.23
N GLU B 455 -8.81 36.89 16.23
CA GLU B 455 -9.26 36.69 14.86
C GLU B 455 -8.49 35.63 14.09
N GLU B 456 -7.21 35.47 14.40
CA GLU B 456 -6.38 34.49 13.70
C GLU B 456 -5.96 33.31 14.57
N GLY B 457 -6.24 33.38 15.86
CA GLY B 457 -5.89 32.28 16.74
C GLY B 457 -7.14 31.47 17.05
N VAL B 458 -7.11 30.70 18.14
CA VAL B 458 -8.29 29.94 18.50
C VAL B 458 -8.61 30.19 19.98
N PRO B 459 -9.75 30.87 20.21
CA PRO B 459 -10.16 31.16 21.58
C PRO B 459 -10.60 29.88 22.24
N THR B 460 -10.20 29.69 23.48
CA THR B 460 -10.55 28.49 24.19
C THR B 460 -11.98 28.61 24.72
N GLY B 461 -12.47 29.84 24.78
CA GLY B 461 -13.80 30.07 25.29
C GLY B 461 -13.84 30.08 26.82
N ILE B 462 -12.67 30.13 27.45
CA ILE B 462 -12.60 30.12 28.90
C ILE B 462 -11.91 31.38 29.38
N ARG B 463 -12.55 32.06 30.32
CA ARG B 463 -12.00 33.29 30.90
C ARG B 463 -11.58 33.00 32.34
N TYR B 464 -10.76 33.89 32.89
CA TYR B 464 -10.30 33.74 34.26
C TYR B 464 -11.45 33.44 35.23
N ILE B 465 -12.53 34.24 35.22
CA ILE B 465 -13.65 33.97 36.14
C ILE B 465 -14.32 32.64 35.89
N ASP B 466 -14.40 32.23 34.62
CA ASP B 466 -15.02 30.96 34.28
C ASP B 466 -14.24 29.84 34.96
N GLY B 467 -12.92 29.86 34.81
CA GLY B 467 -12.08 28.84 35.41
C GLY B 467 -12.13 28.85 36.91
N PHE B 468 -12.10 30.06 37.47
CA PHE B 468 -12.15 30.22 38.92
C PHE B 468 -13.50 29.76 39.46
N ALA B 469 -14.57 30.20 38.82
CA ALA B 469 -15.91 29.84 39.24
C ALA B 469 -16.08 28.33 39.38
N TYR B 470 -15.53 27.57 38.43
CA TYR B 470 -15.66 26.11 38.49
C TYR B 470 -14.89 25.59 39.70
N TYR B 471 -13.78 26.26 40.01
CA TYR B 471 -12.95 25.90 41.14
C TYR B 471 -13.75 26.09 42.42
N ALA B 472 -14.28 27.30 42.57
CA ALA B 472 -15.07 27.68 43.73
C ALA B 472 -16.22 26.73 44.01
N ALA B 473 -17.12 26.59 43.04
CA ALA B 473 -18.29 25.71 43.20
C ALA B 473 -17.90 24.33 43.72
N ARG B 474 -16.81 23.80 43.17
CA ARG B 474 -16.32 22.49 43.57
C ARG B 474 -15.87 22.55 45.03
N LYS B 475 -15.30 23.69 45.41
CA LYS B 475 -14.84 23.87 46.78
C LYS B 475 -16.00 23.80 47.77
N VAL B 476 -17.03 24.64 47.55
CA VAL B 476 -18.19 24.65 48.44
C VAL B 476 -18.82 23.26 48.41
N GLU B 477 -18.82 22.67 47.23
CA GLU B 477 -19.36 21.34 47.02
C GLU B 477 -18.60 20.34 47.92
N GLU B 478 -17.29 20.56 48.06
CA GLU B 478 -16.47 19.70 48.90
C GLU B 478 -16.82 19.91 50.37
N ALA B 479 -16.89 21.17 50.79
CA ALA B 479 -17.22 21.52 52.17
C ALA B 479 -18.57 20.93 52.56
N ALA B 480 -19.52 20.99 51.64
CA ALA B 480 -20.86 20.45 51.88
C ALA B 480 -20.79 18.95 52.14
N MET B 481 -19.58 18.41 52.13
CA MET B 481 -19.38 16.98 52.37
C MET B 481 -18.60 16.80 53.67
N ARG B 482 -17.64 17.70 53.90
CA ARG B 482 -16.83 17.65 55.11
C ARG B 482 -17.69 18.10 56.29
N GLU B 483 -19.00 18.17 56.05
CA GLU B 483 -19.95 18.58 57.07
C GLU B 483 -19.59 19.95 57.59
N GLN B 484 -19.01 20.77 56.73
CA GLN B 484 -18.61 22.12 57.10
C GLN B 484 -19.80 23.06 57.08
N GLU B 485 -19.58 24.34 57.40
CA GLU B 485 -20.65 25.33 57.43
C GLU B 485 -20.31 26.69 56.80
N GLU B 486 -19.03 27.00 56.73
CA GLU B 486 -18.58 28.27 56.16
C GLU B 486 -17.37 28.02 55.29
N VAL B 487 -17.43 28.47 54.03
CA VAL B 487 -16.34 28.28 53.07
C VAL B 487 -15.98 29.60 52.38
N LYS B 488 -14.68 29.85 52.23
CA LYS B 488 -14.22 31.07 51.57
C LYS B 488 -12.98 30.78 50.75
N VAL B 489 -13.03 31.13 49.47
CA VAL B 489 -11.91 30.91 48.56
C VAL B 489 -11.65 32.16 47.73
N LYS B 490 -10.38 32.54 47.61
CA LYS B 490 -10.05 33.73 46.84
C LYS B 490 -8.92 33.61 45.84
N ALA B 491 -8.94 34.51 44.86
CA ALA B 491 -7.94 34.59 43.81
C ALA B 491 -7.36 35.98 43.81
N ARG B 492 -6.03 36.08 43.81
CA ARG B 492 -5.38 37.38 43.83
C ARG B 492 -4.73 37.73 42.49
N ILE B 493 -3.43 37.49 42.40
CA ILE B 493 -2.67 37.73 41.19
C ILE B 493 -2.54 36.41 40.42
N VAL B 494 -2.65 36.47 39.10
CA VAL B 494 -2.54 35.28 38.26
C VAL B 494 -1.17 35.19 37.60
N GLU B 495 -0.50 34.07 37.85
CA GLU B 495 0.83 33.81 37.31
C GLU B 495 0.81 32.81 36.16
N ASN B 496 -0.06 31.81 36.27
CA ASN B 496 -0.13 30.76 35.26
C ASN B 496 -1.50 30.11 35.18
N LEU B 497 -1.62 29.14 34.26
CA LEU B 497 -2.88 28.44 34.06
C LEU B 497 -3.39 27.85 35.37
N SER B 498 -2.46 27.41 36.20
CA SER B 498 -2.78 26.80 37.49
C SER B 498 -3.63 27.73 38.33
N ASP B 499 -3.26 29.01 38.35
CA ASP B 499 -3.99 30.00 39.13
C ASP B 499 -5.38 30.29 38.58
N ILE B 500 -5.75 29.60 37.50
CA ILE B 500 -7.04 29.82 36.87
C ILE B 500 -7.81 28.50 36.81
N ASN B 501 -7.26 27.48 37.46
CA ASN B 501 -7.89 26.17 37.54
C ASN B 501 -7.86 25.48 36.18
N LEU B 502 -6.86 25.85 35.39
CA LEU B 502 -6.66 25.30 34.04
C LEU B 502 -5.35 24.50 33.96
N TYR B 503 -5.30 23.50 33.09
CA TYR B 503 -4.07 22.72 32.92
C TYR B 503 -3.93 22.08 31.54
N ILE B 504 -2.74 21.57 31.28
CA ILE B 504 -2.46 20.86 30.04
C ILE B 504 -1.62 19.65 30.40
N HIS B 505 -1.85 18.55 29.70
CA HIS B 505 -1.10 17.33 29.96
C HIS B 505 0.41 17.57 29.79
N GLU B 506 1.19 16.85 30.57
CA GLU B 506 2.64 17.04 30.53
C GLU B 506 3.31 16.94 29.16
N ASN B 507 2.79 16.11 28.25
CA ASN B 507 3.38 16.02 26.91
C ASN B 507 3.19 17.32 26.14
N VAL B 508 2.00 17.93 26.26
CA VAL B 508 1.75 19.15 25.52
C VAL B 508 2.65 20.27 26.04
N ARG B 509 2.84 20.30 27.35
CA ARG B 509 3.71 21.32 27.93
C ARG B 509 5.09 21.17 27.29
N ARG B 510 5.63 19.95 27.27
CA ARG B 510 6.94 19.70 26.65
C ARG B 510 6.96 20.11 25.15
N TYR B 511 5.94 19.71 24.40
CA TYR B 511 5.86 20.10 22.99
C TYR B 511 6.09 21.61 22.87
N ILE B 512 5.34 22.39 23.64
CA ILE B 512 5.44 23.83 23.60
C ILE B 512 6.86 24.28 23.93
N LEU B 513 7.47 23.66 24.94
CA LEU B 513 8.83 24.03 25.30
C LEU B 513 9.76 23.71 24.13
N TRP B 514 9.68 22.48 23.65
CA TRP B 514 10.49 22.01 22.53
C TRP B 514 10.36 22.93 21.31
N LYS B 515 9.17 23.48 21.08
CA LYS B 515 8.96 24.36 19.95
C LYS B 515 9.29 25.81 20.27
N LYS B 516 9.89 26.04 21.43
CA LYS B 516 10.27 27.38 21.85
C LYS B 516 9.06 28.31 21.88
N GLY B 517 7.93 27.78 22.33
CA GLY B 517 6.74 28.60 22.41
C GLY B 517 6.62 29.05 23.84
N LYS B 518 5.68 29.96 24.10
CA LYS B 518 5.51 30.44 25.46
C LYS B 518 4.07 30.44 25.94
N ILE B 519 3.96 30.59 27.25
CA ILE B 519 2.69 30.64 27.94
C ILE B 519 2.68 31.92 28.77
N ASP B 520 1.90 32.90 28.31
CA ASP B 520 1.80 34.19 28.99
C ASP B 520 0.36 34.37 29.50
N VAL B 521 0.12 33.86 30.71
CA VAL B 521 -1.19 33.94 31.35
C VAL B 521 -1.02 34.61 32.72
N ARG B 522 -1.10 35.94 32.72
CA ARG B 522 -0.93 36.75 33.92
C ARG B 522 -2.05 37.77 34.08
N GLY B 523 -2.04 38.46 35.22
CA GLY B 523 -3.05 39.48 35.48
C GLY B 523 -3.69 39.46 36.85
N PRO B 524 -4.28 40.60 37.27
CA PRO B 524 -4.94 40.77 38.56
C PRO B 524 -6.38 40.26 38.54
N LEU B 525 -6.59 39.06 39.06
CA LEU B 525 -7.91 38.47 39.08
C LEU B 525 -8.72 39.06 40.22
N PHE B 526 -8.18 38.97 41.44
CA PHE B 526 -8.83 39.49 42.65
C PHE B 526 -10.34 39.30 42.69
N VAL B 527 -10.76 38.06 42.91
CA VAL B 527 -12.17 37.74 43.01
C VAL B 527 -12.30 36.84 44.24
N THR B 528 -13.35 37.06 45.02
CA THR B 528 -13.56 36.27 46.24
C THR B 528 -14.96 35.67 46.28
N VAL B 529 -15.07 34.48 46.84
CA VAL B 529 -16.36 33.80 46.95
C VAL B 529 -16.53 33.21 48.35
N LYS B 530 -17.65 33.53 49.00
CA LYS B 530 -17.95 33.04 50.34
C LYS B 530 -19.24 32.24 50.32
N ALA B 531 -19.27 31.15 51.08
CA ALA B 531 -20.46 30.32 51.13
C ALA B 531 -20.84 29.98 52.56
N GLU B 532 -22.13 29.83 52.79
CA GLU B 532 -22.64 29.50 54.11
C GLU B 532 -23.51 28.26 53.91
N ILE B 533 -23.03 27.11 54.38
CA ILE B 533 -23.78 25.87 54.22
C ILE B 533 -24.27 25.38 55.57
N GLU B 534 -25.58 25.21 55.68
CA GLU B 534 -26.20 24.77 56.92
C GLU B 534 -26.54 23.28 56.92
N MET C 1 -17.82 6.26 -41.07
CA MET C 1 -17.46 7.45 -41.88
C MET C 1 -18.28 8.68 -41.45
N LYS C 2 -17.69 9.86 -41.61
CA LYS C 2 -18.35 11.12 -41.29
C LYS C 2 -19.51 11.34 -42.29
N PHE C 3 -20.61 11.89 -41.81
CA PHE C 3 -21.77 12.15 -42.65
C PHE C 3 -22.31 13.59 -42.52
N ASP C 4 -23.29 13.94 -43.34
CA ASP C 4 -23.87 15.28 -43.28
C ASP C 4 -25.25 15.25 -42.63
N PRO C 5 -25.39 15.93 -41.49
CA PRO C 5 -26.63 16.02 -40.73
C PRO C 5 -27.85 16.51 -41.50
N GLN C 6 -27.65 17.48 -42.41
CA GLN C 6 -28.75 18.03 -43.20
C GLN C 6 -29.40 16.95 -44.07
N LYS C 7 -28.57 16.17 -44.75
CA LYS C 7 -29.07 15.09 -45.59
C LYS C 7 -30.03 14.25 -44.76
N TYR C 8 -29.50 13.60 -43.72
CA TYR C 8 -30.30 12.76 -42.85
C TYR C 8 -31.46 13.52 -42.23
N ARG C 9 -31.24 14.80 -41.96
CA ARG C 9 -32.30 15.60 -41.35
C ARG C 9 -33.51 15.66 -42.29
N GLU C 10 -33.32 16.24 -43.48
CA GLU C 10 -34.43 16.35 -44.42
C GLU C 10 -34.83 14.98 -44.96
N LEU C 11 -33.84 14.14 -45.23
CA LEU C 11 -34.11 12.80 -45.74
C LEU C 11 -35.06 12.07 -44.79
N ALA C 12 -35.01 12.44 -43.50
CA ALA C 12 -35.86 11.81 -42.49
C ALA C 12 -37.21 12.51 -42.40
N GLU C 13 -37.26 13.71 -42.97
CA GLU C 13 -38.49 14.48 -42.98
C GLU C 13 -39.44 13.83 -43.99
N LYS C 14 -38.87 13.26 -45.05
CA LYS C 14 -39.66 12.61 -46.08
C LYS C 14 -40.16 11.23 -45.62
N ASP C 15 -39.23 10.36 -45.21
CA ASP C 15 -39.61 9.02 -44.76
C ASP C 15 -38.66 8.48 -43.69
N PHE C 16 -39.09 8.60 -42.44
CA PHE C 16 -38.34 8.15 -41.29
C PHE C 16 -37.78 6.75 -41.44
N GLU C 17 -38.66 5.77 -41.59
CA GLU C 17 -38.22 4.38 -41.73
C GLU C 17 -37.09 4.20 -42.74
N ALA C 18 -37.17 4.93 -43.86
CA ALA C 18 -36.17 4.85 -44.91
C ALA C 18 -34.85 5.48 -44.44
N ALA C 19 -34.98 6.59 -43.70
CA ALA C 19 -33.82 7.29 -43.17
C ALA C 19 -33.09 6.38 -42.18
N TRP C 20 -33.89 5.80 -41.30
CA TRP C 20 -33.40 4.90 -40.28
C TRP C 20 -32.61 3.75 -40.92
N LYS C 21 -33.23 3.05 -41.86
CA LYS C 21 -32.57 1.94 -42.53
C LYS C 21 -31.35 2.41 -43.31
N ALA C 22 -31.38 3.66 -43.74
CA ALA C 22 -30.28 4.23 -44.49
C ALA C 22 -29.05 4.36 -43.60
N GLY C 23 -29.29 4.49 -42.29
CA GLY C 23 -28.21 4.62 -41.33
C GLY C 23 -27.08 3.60 -41.39
N LYS C 24 -27.38 2.36 -41.80
CA LYS C 24 -26.35 1.34 -41.89
C LYS C 24 -25.20 1.80 -42.78
N GLU C 25 -25.47 2.83 -43.56
CA GLU C 25 -24.46 3.34 -44.47
C GLU C 25 -23.23 3.92 -43.77
N ILE C 26 -23.42 4.44 -42.56
CA ILE C 26 -22.29 5.05 -41.84
C ILE C 26 -21.42 4.06 -41.09
N LEU C 27 -21.93 2.85 -40.87
CA LEU C 27 -21.17 1.82 -40.16
C LEU C 27 -19.91 1.45 -40.93
N ALA C 28 -18.90 0.96 -40.22
CA ALA C 28 -17.65 0.56 -40.86
C ALA C 28 -17.73 -0.92 -41.27
N GLU C 29 -17.24 -1.23 -42.47
CA GLU C 29 -17.24 -2.60 -42.97
C GLU C 29 -15.92 -3.20 -42.52
N ARG C 30 -15.95 -4.06 -41.51
CA ARG C 30 -14.73 -4.64 -40.98
C ARG C 30 -14.23 -5.90 -41.68
N SER C 31 -12.93 -5.94 -41.93
CA SER C 31 -12.30 -7.09 -42.56
C SER C 31 -11.92 -8.08 -41.45
N PRO C 32 -11.76 -9.38 -41.79
CA PRO C 32 -11.42 -10.47 -40.87
C PRO C 32 -10.72 -10.12 -39.56
N ASN C 33 -9.44 -9.77 -39.62
CA ASN C 33 -8.68 -9.44 -38.41
C ASN C 33 -9.07 -8.17 -37.65
N GLU C 34 -10.16 -7.55 -38.02
CA GLU C 34 -10.62 -6.35 -37.31
C GLU C 34 -11.95 -6.66 -36.65
N LEU C 35 -12.32 -7.93 -36.66
CA LEU C 35 -13.58 -8.35 -36.05
C LEU C 35 -13.35 -8.93 -34.66
N TYR C 36 -14.32 -8.70 -33.77
CA TYR C 36 -14.26 -9.23 -32.43
C TYR C 36 -14.24 -10.74 -32.63
N PRO C 37 -13.50 -11.48 -31.79
CA PRO C 37 -12.66 -11.06 -30.67
C PRO C 37 -11.23 -10.74 -31.08
N ARG C 38 -10.97 -10.61 -32.37
CA ARG C 38 -9.61 -10.31 -32.80
C ARG C 38 -9.18 -8.87 -32.46
N VAL C 39 -10.12 -8.03 -32.07
CA VAL C 39 -9.78 -6.66 -31.67
C VAL C 39 -10.18 -6.49 -30.22
N GLY C 40 -9.40 -5.72 -29.45
CA GLY C 40 -9.74 -5.51 -28.05
C GLY C 40 -8.93 -4.48 -27.30
N PHE C 41 -9.36 -4.18 -26.08
CA PHE C 41 -8.68 -3.23 -25.22
C PHE C 41 -7.99 -4.03 -24.13
N SER C 42 -6.90 -3.51 -23.61
CA SER C 42 -6.14 -4.15 -22.55
C SER C 42 -6.17 -3.20 -21.36
N PHE C 43 -5.58 -3.62 -20.25
CA PHE C 43 -5.52 -2.78 -19.07
C PHE C 43 -4.63 -3.46 -18.06
N GLY C 44 -4.06 -2.68 -17.14
CA GLY C 44 -3.18 -3.23 -16.14
C GLY C 44 -3.92 -4.05 -15.09
N LYS C 45 -3.23 -5.03 -14.54
CA LYS C 45 -3.77 -5.89 -13.51
C LYS C 45 -2.85 -5.66 -12.34
N GLU C 46 -3.40 -5.50 -11.14
CA GLU C 46 -2.54 -5.27 -9.99
C GLU C 46 -2.12 -6.61 -9.39
N HIS C 47 -1.05 -6.59 -8.60
CA HIS C 47 -0.56 -7.80 -7.96
C HIS C 47 -1.21 -7.99 -6.57
N PRO C 48 -1.59 -9.22 -6.22
CA PRO C 48 -2.23 -9.49 -4.92
C PRO C 48 -1.53 -8.97 -3.65
N LEU C 49 -0.20 -8.98 -3.65
CA LEU C 49 0.56 -8.51 -2.49
C LEU C 49 0.32 -7.02 -2.23
N PHE C 50 0.54 -6.23 -3.29
CA PHE C 50 0.38 -4.79 -3.21
C PHE C 50 -1.08 -4.37 -3.02
N ALA C 51 -2.02 -5.16 -3.54
CA ALA C 51 -3.42 -4.84 -3.36
C ALA C 51 -3.73 -4.97 -1.89
N THR C 52 -3.22 -6.04 -1.30
CA THR C 52 -3.46 -6.31 0.10
C THR C 52 -2.82 -5.22 0.95
N ILE C 53 -1.58 -4.86 0.64
CA ILE C 53 -0.93 -3.78 1.38
C ILE C 53 -1.83 -2.53 1.38
N GLN C 54 -2.33 -2.15 0.21
CA GLN C 54 -3.21 -1.00 0.10
C GLN C 54 -4.50 -1.15 0.91
N ARG C 55 -5.03 -2.37 0.99
CA ARG C 55 -6.26 -2.60 1.79
C ARG C 55 -5.91 -2.42 3.27
N LEU C 56 -4.71 -2.85 3.65
CA LEU C 56 -4.26 -2.73 5.04
C LEU C 56 -4.05 -1.26 5.44
N ARG C 57 -3.56 -0.44 4.52
CA ARG C 57 -3.35 0.97 4.81
C ARG C 57 -4.72 1.58 5.12
N GLU C 58 -5.67 1.27 4.26
CA GLU C 58 -7.01 1.78 4.43
C GLU C 58 -7.57 1.34 5.77
N ALA C 59 -7.44 0.05 6.08
CA ALA C 59 -7.96 -0.48 7.35
C ALA C 59 -7.35 0.22 8.58
N TYR C 60 -6.04 0.45 8.58
CA TYR C 60 -5.43 1.13 9.73
C TYR C 60 -5.95 2.57 9.83
N LEU C 61 -6.02 3.26 8.68
CA LEU C 61 -6.53 4.61 8.67
C LEU C 61 -8.00 4.58 9.17
N SER C 62 -8.75 3.55 8.77
CA SER C 62 -10.13 3.43 9.21
C SER C 62 -10.29 3.41 10.73
N ILE C 63 -9.26 2.97 11.45
CA ILE C 63 -9.39 2.92 12.90
C ILE C 63 -8.53 3.91 13.62
N GLY C 64 -8.12 4.95 12.90
CA GLY C 64 -7.38 6.03 13.52
C GLY C 64 -5.87 6.08 13.62
N PHE C 65 -5.15 5.16 12.99
CA PHE C 65 -3.70 5.19 13.06
C PHE C 65 -3.14 6.01 11.91
N SER C 66 -2.08 6.76 12.20
CA SER C 66 -1.43 7.60 11.19
C SER C 66 -0.19 6.90 10.68
N GLU C 67 0.07 7.05 9.39
CA GLU C 67 1.17 6.39 8.73
C GLU C 67 2.54 6.97 9.06
N VAL C 68 3.53 6.09 9.09
CA VAL C 68 4.88 6.48 9.42
C VAL C 68 5.88 5.65 8.61
N VAL C 69 7.09 6.16 8.45
CA VAL C 69 8.13 5.37 7.81
C VAL C 69 9.16 5.16 8.92
N ASN C 70 9.47 3.92 9.22
CA ASN C 70 10.46 3.61 10.26
C ASN C 70 11.85 3.29 9.71
N PRO C 71 12.88 3.46 10.54
CA PRO C 71 14.25 3.16 10.10
C PRO C 71 14.33 1.68 9.70
N LEU C 72 14.95 1.43 8.55
CA LEU C 72 15.10 0.07 8.03
C LEU C 72 16.54 -0.45 8.23
N ILE C 73 17.53 0.41 8.01
CA ILE C 73 18.93 0.05 8.22
C ILE C 73 19.27 0.52 9.62
N VAL C 74 19.76 -0.38 10.47
CA VAL C 74 20.05 0.00 11.84
C VAL C 74 21.30 -0.63 12.48
N GLU C 75 21.92 0.13 13.38
CA GLU C 75 23.08 -0.33 14.14
C GLU C 75 22.62 -1.49 15.01
N ASP C 76 23.38 -2.58 15.03
CA ASP C 76 22.95 -3.75 15.82
C ASP C 76 22.80 -3.49 17.32
N VAL C 77 23.31 -2.36 17.78
CA VAL C 77 23.21 -1.99 19.18
C VAL C 77 21.72 -1.85 19.58
N HIS C 78 20.86 -1.48 18.61
CA HIS C 78 19.43 -1.31 18.88
C HIS C 78 18.76 -2.63 19.23
N VAL C 79 19.21 -3.73 18.63
CA VAL C 79 18.63 -5.02 18.96
C VAL C 79 19.11 -5.36 20.38
N LYS C 80 20.33 -4.94 20.69
CA LYS C 80 20.91 -5.18 22.02
C LYS C 80 20.12 -4.41 23.08
N LYS C 81 19.80 -3.16 22.78
CA LYS C 81 19.02 -2.35 23.72
C LYS C 81 17.61 -2.91 23.92
N GLN C 82 17.06 -3.54 22.90
CA GLN C 82 15.70 -4.07 22.97
C GLN C 82 15.52 -5.48 23.51
N PHE C 83 16.40 -6.41 23.15
CA PHE C 83 16.23 -7.76 23.65
C PHE C 83 17.01 -8.10 24.89
N GLY C 84 17.89 -7.20 25.31
CA GLY C 84 18.70 -7.46 26.48
C GLY C 84 19.66 -8.60 26.26
N ARG C 85 19.63 -9.59 27.14
CA ARG C 85 20.53 -10.74 27.06
C ARG C 85 20.21 -11.64 25.87
N GLU C 86 18.92 -11.90 25.70
CA GLU C 86 18.42 -12.72 24.62
C GLU C 86 18.79 -12.15 23.25
N ALA C 87 19.50 -11.02 23.24
CA ALA C 87 19.88 -10.37 22.00
C ALA C 87 20.85 -11.12 21.05
N LEU C 88 21.85 -11.79 21.61
CA LEU C 88 22.80 -12.52 20.78
C LEU C 88 22.05 -13.54 19.93
N ALA C 89 21.11 -14.23 20.57
CA ALA C 89 20.31 -15.22 19.89
C ALA C 89 19.53 -14.60 18.74
N VAL C 90 18.95 -13.43 18.98
CA VAL C 90 18.17 -12.76 17.97
C VAL C 90 18.99 -12.33 16.76
N LEU C 91 20.14 -11.70 17.02
CA LEU C 91 21.00 -11.25 15.92
C LEU C 91 21.38 -12.35 14.92
N ASP C 92 21.32 -13.61 15.35
CA ASP C 92 21.64 -14.71 14.47
C ASP C 92 20.71 -14.75 13.24
N ARG C 93 19.46 -14.34 13.42
CA ARG C 93 18.46 -14.35 12.34
C ARG C 93 18.51 -13.10 11.45
N CYS C 94 19.35 -12.14 11.81
CA CYS C 94 19.46 -10.90 11.05
C CYS C 94 20.54 -10.93 9.98
N PHE C 95 20.52 -9.91 9.11
CA PHE C 95 21.54 -9.78 8.07
C PHE C 95 22.34 -8.55 8.44
N TYR C 96 23.65 -8.61 8.27
CA TYR C 96 24.51 -7.45 8.52
C TYR C 96 24.87 -6.89 7.14
N LEU C 97 25.24 -5.63 7.07
CA LEU C 97 25.63 -5.02 5.79
C LEU C 97 27.16 -4.99 5.63
N ALA C 98 27.64 -5.29 4.41
CA ALA C 98 29.07 -5.27 4.13
C ALA C 98 29.35 -4.43 2.89
N THR C 99 30.52 -3.78 2.89
CA THR C 99 30.91 -2.93 1.79
C THR C 99 32.29 -3.29 1.22
N LEU C 100 32.47 -3.07 -0.07
CA LEU C 100 33.75 -3.34 -0.71
C LEU C 100 34.68 -2.20 -0.34
N PRO C 101 35.89 -2.52 0.14
CA PRO C 101 36.86 -1.49 0.52
C PRO C 101 37.43 -0.90 -0.77
N LYS C 102 37.21 0.40 -0.96
CA LYS C 102 37.67 1.10 -2.16
C LYS C 102 39.12 0.77 -2.49
N PRO C 103 39.34 -0.16 -3.45
CA PRO C 103 40.68 -0.56 -3.86
C PRO C 103 41.61 0.61 -4.11
N ASN C 104 42.28 1.06 -3.05
CA ASN C 104 43.21 2.18 -3.12
C ASN C 104 42.69 3.34 -3.95
N LEU C 174 36.22 -8.16 -5.03
CA LEU C 174 37.24 -8.51 -3.98
C LEU C 174 36.59 -9.13 -2.76
N LYS C 175 36.91 -8.60 -1.59
CA LYS C 175 36.35 -9.12 -0.35
C LYS C 175 35.62 -8.04 0.44
N PRO C 176 34.28 -8.17 0.56
CA PRO C 176 33.44 -7.21 1.28
C PRO C 176 33.72 -7.24 2.78
N ILE C 177 33.71 -6.08 3.42
CA ILE C 177 33.96 -5.97 4.86
C ILE C 177 32.68 -5.62 5.63
N SER C 178 32.28 -6.53 6.50
CA SER C 178 31.07 -6.33 7.29
C SER C 178 31.15 -5.09 8.15
N SER C 179 30.01 -4.41 8.28
CA SER C 179 29.93 -3.23 9.11
C SER C 179 29.11 -3.66 10.32
N THR C 180 28.76 -2.70 11.17
CA THR C 180 28.00 -3.04 12.35
C THR C 180 26.50 -2.70 12.13
N LEU C 181 26.16 -2.44 10.87
CA LEU C 181 24.79 -2.11 10.46
C LEU C 181 23.99 -3.36 10.04
N THR C 182 22.71 -3.38 10.37
CA THR C 182 21.84 -4.50 10.03
C THR C 182 20.52 -4.04 9.43
N LEU C 183 19.80 -4.98 8.82
CA LEU C 183 18.47 -4.73 8.26
C LEU C 183 17.54 -5.16 9.39
N ARG C 184 16.42 -4.44 9.60
CA ARG C 184 15.49 -4.83 10.66
C ARG C 184 14.81 -6.18 10.36
N SER C 185 14.59 -6.98 11.40
CA SER C 185 13.96 -8.30 11.23
C SER C 185 12.46 -8.30 11.48
N HIS C 186 11.99 -7.24 12.11
CA HIS C 186 10.57 -7.00 12.37
C HIS C 186 10.49 -5.48 12.52
N MET C 187 9.28 -4.92 12.45
CA MET C 187 9.12 -3.47 12.52
C MET C 187 9.56 -2.88 13.86
N THR C 188 9.42 -3.66 14.92
CA THR C 188 9.78 -3.24 16.26
C THR C 188 11.16 -2.61 16.40
N THR C 189 12.16 -3.17 15.74
CA THR C 189 13.50 -2.62 15.84
C THR C 189 13.47 -1.14 15.51
N GLY C 190 12.63 -0.78 14.54
CA GLY C 190 12.51 0.61 14.12
C GLY C 190 11.52 1.44 14.95
N TRP C 191 10.48 0.83 15.47
CA TRP C 191 9.52 1.58 16.27
C TRP C 191 10.16 2.32 17.44
N PHE C 192 11.01 1.65 18.20
CA PHE C 192 11.63 2.29 19.36
C PHE C 192 12.34 3.57 18.99
N ILE C 193 13.09 3.52 17.90
CA ILE C 193 13.82 4.70 17.46
C ILE C 193 12.84 5.82 17.19
N THR C 194 11.83 5.54 16.37
CA THR C 194 10.81 6.52 16.04
C THR C 194 10.09 7.06 17.28
N LEU C 195 9.66 6.16 18.18
CA LEU C 195 8.96 6.61 19.37
C LEU C 195 9.79 7.49 20.30
N SER C 196 11.10 7.25 20.34
CA SER C 196 11.97 8.03 21.20
C SER C 196 11.85 9.53 21.01
N HIS C 197 11.57 9.97 19.79
CA HIS C 197 11.46 11.40 19.52
C HIS C 197 10.07 12.01 19.77
N ILE C 198 9.06 11.21 20.08
CA ILE C 198 7.75 11.81 20.25
C ILE C 198 6.85 11.36 21.39
N ALA C 199 7.11 10.19 21.96
CA ALA C 199 6.26 9.67 23.02
C ALA C 199 6.02 10.59 24.23
N ASP C 200 6.88 11.59 24.40
CA ASP C 200 6.76 12.50 25.54
C ASP C 200 6.41 13.91 25.08
N LYS C 201 6.21 14.07 23.77
CA LYS C 201 5.90 15.37 23.16
C LYS C 201 4.62 15.47 22.33
N LEU C 202 3.79 14.44 22.32
CA LEU C 202 2.54 14.49 21.54
C LEU C 202 1.39 14.07 22.43
N PRO C 203 0.20 14.60 22.18
CA PRO C 203 -0.96 14.23 23.00
C PRO C 203 -1.23 12.74 22.94
N LEU C 204 -1.60 12.16 24.07
CA LEU C 204 -1.91 10.73 24.14
C LEU C 204 -3.38 10.55 23.91
N PRO C 205 -3.79 9.44 23.29
CA PRO C 205 -2.92 8.37 22.78
C PRO C 205 -2.31 8.67 21.43
N ILE C 206 -1.19 8.03 21.15
CA ILE C 206 -0.46 8.16 19.89
C ILE C 206 -0.73 6.83 19.19
N LYS C 207 -1.22 6.88 17.97
CA LYS C 207 -1.52 5.65 17.24
C LYS C 207 -0.86 5.74 15.89
N LEU C 208 0.20 4.96 15.72
CA LEU C 208 0.93 4.95 14.47
C LEU C 208 0.95 3.56 13.84
N PHE C 209 1.11 3.50 12.53
CA PHE C 209 1.21 2.21 11.84
C PHE C 209 2.17 2.37 10.68
N SER C 210 2.61 1.25 10.14
CA SER C 210 3.49 1.23 8.98
C SER C 210 3.50 -0.18 8.37
N ILE C 211 3.34 -0.24 7.05
CA ILE C 211 3.35 -1.50 6.32
C ILE C 211 4.59 -1.39 5.43
N ASP C 212 5.64 -2.11 5.77
CA ASP C 212 6.89 -1.99 5.00
C ASP C 212 7.69 -3.30 5.05
N ARG C 213 8.82 -3.32 4.36
CA ARG C 213 9.66 -4.52 4.32
C ARG C 213 10.57 -4.77 5.52
N CYS C 214 10.80 -6.04 5.79
CA CYS C 214 11.70 -6.50 6.85
C CYS C 214 12.48 -7.66 6.26
N PHE C 215 13.66 -7.93 6.82
CA PHE C 215 14.48 -9.02 6.33
C PHE C 215 14.82 -10.00 7.43
N ARG C 216 14.79 -11.29 7.08
CA ARG C 216 15.07 -12.32 8.07
C ARG C 216 15.71 -13.54 7.48
N ARG C 217 16.70 -14.05 8.20
CA ARG C 217 17.43 -15.23 7.82
C ARG C 217 16.85 -16.34 8.68
N GLU C 218 15.61 -16.73 8.40
CA GLU C 218 14.94 -17.78 9.16
C GLU C 218 15.32 -19.17 8.69
N GLN C 219 16.28 -19.77 9.39
CA GLN C 219 16.77 -21.11 9.07
C GLN C 219 17.59 -21.08 7.77
N GLY C 220 17.36 -20.06 6.95
CA GLY C 220 18.10 -19.94 5.70
C GLY C 220 17.53 -20.83 4.61
N GLU C 221 16.24 -21.17 4.72
CA GLU C 221 15.57 -22.01 3.73
C GLU C 221 14.70 -21.15 2.81
N ASP C 222 13.70 -21.79 2.20
CA ASP C 222 12.78 -21.09 1.31
C ASP C 222 11.48 -21.89 1.21
N ALA C 223 11.57 -23.18 1.53
CA ALA C 223 10.40 -24.06 1.49
C ALA C 223 9.45 -23.67 2.60
N THR C 224 9.98 -23.02 3.63
CA THR C 224 9.20 -22.58 4.77
C THR C 224 9.06 -21.04 4.84
N ARG C 225 10.13 -20.32 4.51
CA ARG C 225 10.10 -18.85 4.58
C ARG C 225 10.99 -18.16 3.54
N LEU C 226 10.71 -16.89 3.29
CA LEU C 226 11.46 -16.07 2.32
C LEU C 226 12.37 -15.08 3.06
N TYR C 227 13.36 -14.56 2.35
CA TYR C 227 14.28 -13.59 2.94
C TYR C 227 13.64 -12.25 3.29
N THR C 228 12.74 -11.76 2.43
CA THR C 228 12.06 -10.49 2.70
C THR C 228 10.56 -10.68 2.78
N TYR C 229 9.91 -9.88 3.61
CA TYR C 229 8.48 -9.98 3.75
C TYR C 229 7.94 -8.64 4.25
N PHE C 230 6.63 -8.49 4.21
CA PHE C 230 6.03 -7.25 4.67
C PHE C 230 5.35 -7.43 5.98
N SER C 231 5.59 -6.48 6.88
CA SER C 231 4.94 -6.50 8.19
C SER C 231 3.95 -5.35 8.19
N ALA C 232 2.69 -5.63 8.53
CA ALA C 232 1.64 -4.61 8.62
C ALA C 232 1.61 -4.39 10.13
N SER C 233 2.27 -3.32 10.58
CA SER C 233 2.43 -3.09 12.01
C SER C 233 1.94 -1.78 12.59
N CYS C 234 1.62 -1.81 13.88
CA CYS C 234 1.16 -0.60 14.55
C CYS C 234 1.65 -0.55 15.99
N VAL C 235 1.61 0.65 16.57
CA VAL C 235 1.97 0.87 17.97
C VAL C 235 0.89 1.80 18.54
N LEU C 236 0.60 1.61 19.83
CA LEU C 236 -0.40 2.41 20.52
C LEU C 236 0.23 2.87 21.82
N VAL C 237 0.44 4.17 21.96
CA VAL C 237 1.05 4.75 23.17
C VAL C 237 0.00 5.47 24.04
N ASP C 238 -0.09 5.07 25.30
CA ASP C 238 -1.05 5.68 26.22
C ASP C 238 -0.60 5.44 27.66
N GLU C 239 -1.23 6.14 28.62
CA GLU C 239 -0.86 6.00 30.03
C GLU C 239 -1.27 4.65 30.61
N GLU C 240 -2.45 4.19 30.25
CA GLU C 240 -2.94 2.91 30.74
C GLU C 240 -3.26 1.95 29.60
N LEU C 241 -2.55 0.84 29.55
CA LEU C 241 -2.75 -0.17 28.53
C LEU C 241 -2.76 -1.57 29.10
N SER C 242 -3.38 -2.47 28.35
CA SER C 242 -3.49 -3.85 28.73
C SER C 242 -3.60 -4.70 27.49
N VAL C 243 -3.58 -6.00 27.71
CA VAL C 243 -3.65 -6.95 26.64
C VAL C 243 -5.00 -6.79 25.91
N ASP C 244 -5.96 -6.13 26.56
CA ASP C 244 -7.26 -5.90 25.95
C ASP C 244 -7.22 -4.91 24.76
N ASP C 245 -6.36 -3.91 24.83
CA ASP C 245 -6.24 -2.97 23.74
C ASP C 245 -5.78 -3.70 22.47
N GLY C 246 -4.90 -4.68 22.66
CA GLY C 246 -4.40 -5.46 21.52
C GLY C 246 -5.49 -6.31 20.88
N LYS C 247 -6.38 -6.86 21.69
CA LYS C 247 -7.47 -7.68 21.17
C LYS C 247 -8.47 -6.81 20.40
N ALA C 248 -8.71 -5.61 20.93
CA ALA C 248 -9.63 -4.69 20.29
C ALA C 248 -9.11 -4.26 18.91
N VAL C 249 -7.81 -3.94 18.83
CA VAL C 249 -7.22 -3.54 17.57
C VAL C 249 -7.26 -4.68 16.54
N ALA C 250 -6.89 -5.89 16.95
CA ALA C 250 -6.91 -7.01 16.02
C ALA C 250 -8.30 -7.24 15.42
N GLU C 251 -9.34 -7.23 16.26
CA GLU C 251 -10.67 -7.45 15.75
C GLU C 251 -11.10 -6.35 14.77
N ALA C 252 -10.84 -5.10 15.14
CA ALA C 252 -11.24 -3.99 14.28
C ALA C 252 -10.54 -4.01 12.93
N LEU C 253 -9.29 -4.46 12.95
CA LEU C 253 -8.51 -4.51 11.73
C LEU C 253 -8.96 -5.69 10.90
N LEU C 254 -9.05 -6.85 11.54
CA LEU C 254 -9.42 -8.09 10.88
C LEU C 254 -10.86 -8.21 10.40
N ARG C 255 -11.78 -7.54 11.08
CA ARG C 255 -13.18 -7.61 10.69
C ARG C 255 -13.37 -7.03 9.30
N GLN C 256 -12.57 -6.01 8.98
CA GLN C 256 -12.64 -5.36 7.70
C GLN C 256 -12.18 -6.28 6.56
N PHE C 257 -11.67 -7.45 6.90
CA PHE C 257 -11.23 -8.38 5.88
C PHE C 257 -12.10 -9.63 5.85
N GLY C 258 -13.26 -9.53 6.51
CA GLY C 258 -14.19 -10.65 6.51
C GLY C 258 -14.09 -11.70 7.62
N PHE C 259 -13.17 -11.52 8.56
CA PHE C 259 -13.06 -12.46 9.65
C PHE C 259 -14.23 -12.19 10.60
N GLU C 260 -14.80 -13.26 11.17
CA GLU C 260 -15.96 -13.06 12.03
C GLU C 260 -15.81 -13.45 13.50
N ASN C 261 -14.86 -14.33 13.82
CA ASN C 261 -14.68 -14.74 15.20
C ASN C 261 -13.19 -14.75 15.54
N PHE C 262 -12.85 -14.49 16.80
CA PHE C 262 -11.46 -14.40 17.24
C PHE C 262 -11.16 -15.09 18.57
N ARG C 263 -10.00 -15.74 18.65
CA ARG C 263 -9.55 -16.38 19.87
C ARG C 263 -8.09 -15.98 20.11
N PHE C 264 -7.72 -15.77 21.38
CA PHE C 264 -6.36 -15.39 21.71
C PHE C 264 -5.69 -16.37 22.68
N ARG C 265 -4.42 -16.66 22.44
CA ARG C 265 -3.66 -17.56 23.33
C ARG C 265 -2.28 -16.98 23.61
N LYS C 266 -1.77 -17.19 24.82
CA LYS C 266 -0.45 -16.68 25.19
C LYS C 266 0.62 -17.37 24.38
N ASP C 267 1.48 -16.56 23.77
CA ASP C 267 2.58 -17.05 22.95
C ASP C 267 3.66 -17.58 23.90
N GLU C 268 4.04 -18.83 23.72
CA GLU C 268 5.03 -19.47 24.58
C GLU C 268 6.43 -18.86 24.58
N LYS C 269 6.88 -18.31 23.46
CA LYS C 269 8.23 -17.76 23.39
C LYS C 269 8.56 -16.63 24.36
N ARG C 270 7.58 -15.81 24.71
CA ARG C 270 7.79 -14.71 25.65
C ARG C 270 9.06 -13.89 25.43
N SER C 271 9.11 -13.20 24.32
CA SER C 271 10.26 -12.36 23.98
C SER C 271 10.52 -11.26 25.00
N LYS C 272 11.80 -11.03 25.28
CA LYS C 272 12.20 -10.05 26.26
C LYS C 272 11.89 -8.58 26.00
N TYR C 273 11.45 -8.22 24.79
CA TYR C 273 11.12 -6.81 24.54
C TYR C 273 9.64 -6.53 24.85
N TYR C 274 8.93 -7.57 25.27
CA TYR C 274 7.52 -7.45 25.65
C TYR C 274 7.40 -7.77 27.13
N ILE C 275 6.51 -7.08 27.81
CA ILE C 275 6.24 -7.30 29.22
C ILE C 275 5.84 -8.77 29.41
N PRO C 276 6.52 -9.48 30.31
CA PRO C 276 6.17 -10.88 30.51
C PRO C 276 4.67 -11.18 30.57
N ASP C 277 4.25 -12.14 29.76
CA ASP C 277 2.89 -12.60 29.67
C ASP C 277 1.92 -11.74 28.84
N THR C 278 2.44 -10.74 28.12
CA THR C 278 1.55 -9.94 27.29
C THR C 278 1.63 -10.37 25.83
N GLN C 279 2.69 -11.09 25.47
CA GLN C 279 2.87 -11.55 24.09
C GLN C 279 1.78 -12.57 23.76
N THR C 280 0.89 -12.17 22.88
CA THR C 280 -0.28 -12.93 22.48
C THR C 280 -0.36 -13.29 20.99
N GLU C 281 -0.86 -14.49 20.74
CA GLU C 281 -1.06 -14.98 19.37
C GLU C 281 -2.55 -14.84 19.02
N VAL C 282 -2.86 -14.25 17.87
CA VAL C 282 -4.26 -14.08 17.49
C VAL C 282 -4.76 -15.04 16.39
N PHE C 283 -5.85 -15.72 16.70
CA PHE C 283 -6.48 -16.67 15.79
C PHE C 283 -7.80 -16.10 15.33
N ALA C 284 -8.06 -16.17 14.03
CA ALA C 284 -9.31 -15.63 13.51
C ALA C 284 -9.99 -16.62 12.59
N PHE C 285 -11.32 -16.55 12.56
CA PHE C 285 -12.14 -17.42 11.75
C PHE C 285 -12.66 -16.75 10.50
N HIS C 286 -12.43 -17.39 9.37
CA HIS C 286 -12.89 -16.84 8.11
C HIS C 286 -13.68 -17.90 7.35
N PRO C 287 -14.95 -17.62 7.08
CA PRO C 287 -15.83 -18.55 6.35
C PRO C 287 -15.26 -19.04 5.04
N LYS C 288 -14.52 -18.17 4.38
CA LYS C 288 -13.90 -18.50 3.10
C LYS C 288 -13.02 -19.75 3.21
N LEU C 289 -12.49 -19.98 4.41
CA LEU C 289 -11.60 -21.11 4.68
C LEU C 289 -12.28 -22.40 5.13
N VAL C 290 -13.55 -22.34 5.50
CA VAL C 290 -14.22 -23.58 5.93
C VAL C 290 -14.40 -24.46 4.70
N GLY C 291 -14.03 -25.74 4.84
CA GLY C 291 -14.15 -26.64 3.71
C GLY C 291 -12.97 -26.44 2.77
N SER C 292 -11.92 -25.81 3.30
CA SER C 292 -10.71 -25.53 2.54
C SER C 292 -9.78 -26.74 2.51
N SER C 293 -9.16 -26.98 1.37
CA SER C 293 -8.24 -28.10 1.21
C SER C 293 -7.00 -27.84 2.06
N THR C 294 -7.21 -27.68 3.35
CA THR C 294 -6.13 -27.41 4.29
C THR C 294 -6.63 -27.64 5.71
N LYS C 295 -5.72 -27.55 6.68
CA LYS C 295 -6.09 -27.73 8.08
C LYS C 295 -6.87 -26.51 8.55
N TYR C 296 -6.92 -25.50 7.68
CA TYR C 296 -7.66 -24.27 7.96
C TYR C 296 -9.12 -24.59 7.66
N SER C 297 -9.38 -25.88 7.40
CA SER C 297 -10.71 -26.38 7.09
C SER C 297 -11.79 -25.96 8.09
N ASP C 298 -11.43 -25.89 9.38
CA ASP C 298 -12.41 -25.49 10.38
C ASP C 298 -12.69 -23.99 10.30
N GLY C 299 -11.91 -23.29 9.48
CA GLY C 299 -12.09 -21.86 9.30
C GLY C 299 -11.16 -20.97 10.11
N TRP C 300 -10.45 -21.54 11.08
CA TRP C 300 -9.56 -20.77 11.90
C TRP C 300 -8.12 -20.77 11.43
N ILE C 301 -7.38 -19.71 11.75
CA ILE C 301 -5.97 -19.60 11.37
C ILE C 301 -5.21 -18.54 12.19
N GLU C 302 -3.94 -18.80 12.51
CA GLU C 302 -3.15 -17.83 13.25
C GLU C 302 -2.84 -16.69 12.28
N ILE C 303 -3.23 -15.46 12.62
CA ILE C 303 -3.04 -14.35 11.70
C ILE C 303 -2.20 -13.15 12.15
N ALA C 304 -1.99 -13.01 13.46
CA ALA C 304 -1.16 -11.90 13.96
C ALA C 304 -0.66 -12.14 15.37
N THR C 305 0.14 -11.20 15.86
CA THR C 305 0.69 -11.27 17.20
C THR C 305 0.86 -9.86 17.77
N PHE C 306 0.79 -9.73 19.10
CA PHE C 306 0.98 -8.42 19.74
C PHE C 306 1.50 -8.61 21.17
N GLY C 307 1.81 -7.49 21.83
CA GLY C 307 2.28 -7.54 23.21
C GLY C 307 2.44 -6.11 23.67
N ILE C 308 2.76 -5.90 24.95
CA ILE C 308 2.99 -4.53 25.43
C ILE C 308 4.50 -4.44 25.64
N TYR C 309 5.16 -3.47 25.00
CA TYR C 309 6.61 -3.31 25.14
C TYR C 309 7.02 -3.23 26.62
N SER C 310 8.15 -3.86 26.93
CA SER C 310 8.70 -3.91 28.27
C SER C 310 9.42 -2.61 28.67
N PRO C 311 9.19 -2.12 29.91
CA PRO C 311 9.83 -0.88 30.39
C PRO C 311 11.35 -0.97 30.29
N THR C 312 11.89 -2.19 30.36
CA THR C 312 13.34 -2.37 30.23
C THR C 312 13.76 -1.78 28.88
N ALA C 313 13.06 -2.14 27.82
CA ALA C 313 13.39 -1.64 26.48
C ALA C 313 12.97 -0.18 26.26
N LEU C 314 11.75 0.15 26.66
CA LEU C 314 11.29 1.52 26.50
C LEU C 314 12.29 2.48 27.14
N ALA C 315 12.76 2.14 28.34
CA ALA C 315 13.70 2.98 29.08
C ALA C 315 15.00 3.26 28.34
N GLU C 316 15.45 2.36 27.48
CA GLU C 316 16.68 2.62 26.73
C GLU C 316 16.48 3.70 25.67
N TYR C 317 15.25 4.19 25.53
CA TYR C 317 14.96 5.23 24.54
C TYR C 317 14.28 6.44 25.17
N ASP C 318 14.16 6.42 26.49
CA ASP C 318 13.54 7.49 27.26
C ASP C 318 12.04 7.63 27.03
N ILE C 319 11.40 6.51 26.73
CA ILE C 319 9.97 6.49 26.52
C ILE C 319 9.41 6.11 27.88
N PRO C 320 8.57 6.98 28.47
CA PRO C 320 8.02 6.67 29.78
C PRO C 320 6.64 6.03 29.87
N TYR C 321 6.04 5.68 28.75
CA TYR C 321 4.69 5.07 28.78
C TYR C 321 4.65 3.71 28.14
N PRO C 322 3.70 2.88 28.56
CA PRO C 322 3.60 1.54 27.97
C PRO C 322 3.24 1.67 26.47
N VAL C 323 3.54 0.65 25.70
CA VAL C 323 3.24 0.72 24.28
C VAL C 323 2.72 -0.61 23.78
N MET C 324 1.54 -0.59 23.18
CA MET C 324 0.94 -1.80 22.62
C MET C 324 1.40 -1.92 21.17
N ASN C 325 2.01 -3.05 20.82
CA ASN C 325 2.48 -3.30 19.46
C ASN C 325 1.82 -4.56 18.88
N LEU C 326 1.27 -4.41 17.69
CA LEU C 326 0.58 -5.49 16.96
C LEU C 326 1.17 -5.56 15.57
N GLY C 327 1.51 -6.77 15.15
CA GLY C 327 2.08 -6.95 13.83
C GLY C 327 1.37 -8.08 13.13
N LEU C 328 1.14 -7.93 11.83
CA LEU C 328 0.47 -8.97 11.09
C LEU C 328 1.24 -9.18 9.81
N GLY C 329 1.50 -10.45 9.49
CA GLY C 329 2.24 -10.81 8.28
C GLY C 329 1.35 -10.67 7.08
N VAL C 330 1.76 -9.82 6.14
CA VAL C 330 0.97 -9.53 4.95
C VAL C 330 0.77 -10.69 3.98
N GLU C 331 1.86 -11.39 3.68
CA GLU C 331 1.80 -12.51 2.75
C GLU C 331 0.70 -13.51 3.06
N ARG C 332 0.56 -13.87 4.33
CA ARG C 332 -0.50 -14.82 4.67
C ARG C 332 -1.91 -14.26 4.42
N LEU C 333 -2.13 -12.98 4.73
CA LEU C 333 -3.44 -12.38 4.51
C LEU C 333 -3.78 -12.40 3.00
N ALA C 334 -2.83 -12.00 2.18
CA ALA C 334 -3.04 -11.94 0.74
C ALA C 334 -3.38 -13.33 0.18
N MET C 335 -2.65 -14.34 0.64
CA MET C 335 -2.92 -15.69 0.18
C MET C 335 -4.38 -16.05 0.43
N ILE C 336 -4.87 -15.71 1.61
CA ILE C 336 -6.26 -16.00 1.97
C ILE C 336 -7.22 -15.19 1.12
N LEU C 337 -7.00 -13.89 1.02
CA LEU C 337 -7.86 -13.02 0.25
C LEU C 337 -7.97 -13.42 -1.23
N TYR C 338 -6.87 -13.82 -1.83
CA TYR C 338 -6.90 -14.16 -3.25
C TYR C 338 -6.80 -15.66 -3.58
N GLY C 339 -6.86 -16.50 -2.56
CA GLY C 339 -6.82 -17.92 -2.77
C GLY C 339 -5.55 -18.55 -3.30
N TYR C 340 -4.47 -18.49 -2.53
CA TYR C 340 -3.21 -19.10 -2.93
C TYR C 340 -2.81 -20.06 -1.83
N ASP C 341 -2.05 -21.09 -2.18
CA ASP C 341 -1.62 -22.07 -1.20
C ASP C 341 -0.14 -21.95 -0.96
N ASP C 342 0.58 -21.47 -1.97
CA ASP C 342 2.02 -21.32 -1.89
C ASP C 342 2.48 -19.86 -1.98
N VAL C 343 3.08 -19.36 -0.91
CA VAL C 343 3.56 -17.98 -0.86
C VAL C 343 4.38 -17.57 -2.10
N ARG C 344 5.37 -18.37 -2.47
CA ARG C 344 6.20 -18.04 -3.62
C ARG C 344 5.44 -18.01 -4.94
N LYS C 345 4.47 -18.90 -5.11
CA LYS C 345 3.70 -18.88 -6.34
C LYS C 345 2.87 -17.61 -6.39
N MET C 346 2.55 -17.08 -5.21
CA MET C 346 1.76 -15.88 -5.14
C MET C 346 2.55 -14.61 -5.38
N VAL C 347 3.71 -14.45 -4.74
CA VAL C 347 4.43 -13.21 -4.97
C VAL C 347 5.35 -13.22 -6.19
N TYR C 348 5.82 -14.40 -6.58
CA TYR C 348 6.69 -14.48 -7.75
C TYR C 348 6.16 -15.48 -8.79
N PRO C 349 4.96 -15.24 -9.32
CA PRO C 349 4.37 -16.14 -10.31
C PRO C 349 5.17 -16.28 -11.62
N GLN C 350 5.80 -15.21 -12.10
CA GLN C 350 6.57 -15.30 -13.34
C GLN C 350 7.71 -16.27 -13.15
N ILE C 351 8.44 -16.08 -12.06
CA ILE C 351 9.57 -16.93 -11.74
C ILE C 351 9.19 -18.37 -11.45
N HIS C 352 7.94 -18.63 -11.08
CA HIS C 352 7.50 -19.99 -10.80
C HIS C 352 6.46 -20.47 -11.81
N GLY C 353 6.77 -20.25 -13.09
CA GLY C 353 5.91 -20.64 -14.20
C GLY C 353 4.40 -20.45 -14.16
N GLU C 354 3.89 -19.58 -13.30
CA GLU C 354 2.44 -19.35 -13.19
C GLU C 354 1.81 -18.36 -14.18
N ILE C 355 2.43 -18.15 -15.33
CA ILE C 355 1.87 -17.26 -16.33
C ILE C 355 0.51 -17.83 -16.72
N LYS C 356 -0.41 -16.98 -17.18
CA LYS C 356 -1.74 -17.47 -17.52
C LYS C 356 -2.56 -16.57 -18.46
N LEU C 357 -3.06 -17.15 -19.55
CA LEU C 357 -3.89 -16.41 -20.50
C LEU C 357 -5.27 -17.03 -20.54
N SER C 358 -6.31 -16.21 -20.60
CA SER C 358 -7.68 -16.70 -20.66
C SER C 358 -7.96 -17.25 -22.06
N ASP C 359 -9.04 -18.02 -22.19
CA ASP C 359 -9.41 -18.56 -23.49
C ASP C 359 -9.67 -17.40 -24.43
N LEU C 360 -10.37 -16.38 -23.93
CA LEU C 360 -10.69 -15.22 -24.74
C LEU C 360 -9.41 -14.53 -25.23
N ASP C 361 -8.36 -14.56 -24.42
CA ASP C 361 -7.09 -13.96 -24.82
C ASP C 361 -6.48 -14.71 -25.98
N ILE C 362 -6.45 -16.04 -25.86
CA ILE C 362 -5.88 -16.88 -26.89
C ILE C 362 -6.66 -16.78 -28.18
N ALA C 363 -7.98 -16.73 -28.07
CA ALA C 363 -8.83 -16.62 -29.24
C ALA C 363 -8.48 -15.36 -30.03
N ARG C 364 -8.24 -14.26 -29.31
CA ARG C 364 -7.91 -12.98 -29.92
C ARG C 364 -6.60 -13.04 -30.71
N GLU C 365 -5.68 -13.89 -30.26
CA GLU C 365 -4.39 -14.07 -30.93
C GLU C 365 -4.45 -14.94 -32.19
N ILE C 366 -5.60 -15.55 -32.47
CA ILE C 366 -5.74 -16.41 -33.65
C ILE C 366 -6.20 -15.56 -34.83
N LYS C 367 -5.24 -15.25 -35.69
CA LYS C 367 -5.46 -14.40 -36.84
C LYS C 367 -5.35 -15.03 -38.23
N VAL C 368 -6.06 -14.42 -39.19
CA VAL C 368 -6.05 -14.85 -40.58
C VAL C 368 -4.76 -14.36 -41.26
N LYS C 369 -3.94 -15.29 -41.73
CA LYS C 369 -2.66 -14.94 -42.35
C LYS C 369 -2.77 -14.09 -43.60
N GLU C 370 -3.44 -14.59 -44.64
CA GLU C 370 -3.58 -13.82 -45.86
C GLU C 370 -5.01 -13.37 -46.04
N VAL C 371 -5.18 -12.06 -46.21
CA VAL C 371 -6.51 -11.48 -46.39
C VAL C 371 -6.59 -10.66 -47.65
N PRO C 372 -7.73 -10.74 -48.37
CA PRO C 372 -7.91 -9.98 -49.60
C PRO C 372 -7.66 -8.50 -49.33
N GLN C 373 -6.82 -7.88 -50.16
CA GLN C 373 -6.44 -6.48 -50.02
C GLN C 373 -7.39 -5.46 -50.64
N THR C 374 -8.39 -5.94 -51.37
CA THR C 374 -9.34 -5.04 -52.02
C THR C 374 -10.76 -5.33 -51.57
N ALA C 375 -11.62 -4.33 -51.68
CA ALA C 375 -13.02 -4.51 -51.29
C ALA C 375 -13.63 -5.56 -52.21
N VAL C 376 -13.03 -5.72 -53.37
CA VAL C 376 -13.49 -6.70 -54.35
C VAL C 376 -13.11 -8.08 -53.85
N GLY C 377 -11.86 -8.22 -53.43
CA GLY C 377 -11.37 -9.49 -52.94
C GLY C 377 -12.26 -10.03 -51.83
N LEU C 378 -12.66 -9.15 -50.91
CA LEU C 378 -13.52 -9.57 -49.81
C LEU C 378 -14.82 -10.18 -50.28
N LYS C 379 -15.57 -9.44 -51.09
CA LYS C 379 -16.85 -9.93 -51.60
C LYS C 379 -16.70 -11.21 -52.44
N ILE C 380 -15.45 -11.51 -52.79
CA ILE C 380 -15.15 -12.71 -53.56
C ILE C 380 -15.03 -13.87 -52.59
N ALA C 381 -14.11 -13.75 -51.64
CA ALA C 381 -13.92 -14.78 -50.63
C ALA C 381 -15.29 -15.02 -49.99
N GLN C 382 -16.02 -13.94 -49.77
CA GLN C 382 -17.34 -14.03 -49.15
C GLN C 382 -18.30 -14.85 -49.99
N SER C 383 -18.18 -14.75 -51.31
CA SER C 383 -19.04 -15.49 -52.22
C SER C 383 -18.60 -16.94 -52.34
N ILE C 384 -17.29 -17.17 -52.31
CA ILE C 384 -16.78 -18.54 -52.39
C ILE C 384 -17.45 -19.30 -51.26
N VAL C 385 -17.35 -18.75 -50.06
CA VAL C 385 -17.94 -19.32 -48.86
C VAL C 385 -19.43 -19.53 -49.06
N GLU C 386 -20.09 -18.50 -49.56
CA GLU C 386 -21.53 -18.52 -49.79
C GLU C 386 -22.08 -19.74 -50.55
N THR C 387 -21.50 -20.06 -51.70
CA THR C 387 -21.99 -21.18 -52.50
C THR C 387 -21.61 -22.55 -51.96
N ALA C 388 -20.54 -22.61 -51.18
CA ALA C 388 -20.12 -23.89 -50.60
C ALA C 388 -21.05 -24.23 -49.44
N GLU C 389 -21.78 -23.23 -48.96
CA GLU C 389 -22.71 -23.43 -47.86
C GLU C 389 -24.04 -23.94 -48.38
N LYS C 390 -24.12 -24.15 -49.69
CA LYS C 390 -25.36 -24.64 -50.28
C LYS C 390 -25.16 -25.68 -51.38
N HIS C 391 -23.91 -25.98 -51.70
CA HIS C 391 -23.61 -26.96 -52.74
C HIS C 391 -22.44 -27.86 -52.36
N ALA C 392 -22.20 -27.98 -51.06
CA ALA C 392 -21.13 -28.84 -50.58
C ALA C 392 -21.64 -30.26 -50.66
N SER C 393 -22.94 -30.39 -50.88
CA SER C 393 -23.61 -31.68 -50.98
C SER C 393 -23.46 -32.28 -52.38
N GLU C 394 -23.93 -31.55 -53.39
CA GLU C 394 -23.88 -31.96 -54.80
C GLU C 394 -22.78 -32.97 -55.11
N PRO C 395 -23.11 -34.02 -55.87
CA PRO C 395 -22.17 -35.08 -56.26
C PRO C 395 -21.12 -34.59 -57.25
N SER C 396 -19.92 -35.16 -57.15
CA SER C 396 -18.82 -34.77 -58.03
C SER C 396 -18.45 -35.87 -59.01
N PRO C 397 -17.91 -35.48 -60.18
CA PRO C 397 -17.66 -34.09 -60.59
C PRO C 397 -18.89 -33.17 -60.61
N CYS C 398 -18.65 -31.89 -60.32
CA CYS C 398 -19.69 -30.87 -60.31
C CYS C 398 -19.02 -29.51 -60.23
N SER C 399 -19.70 -28.47 -60.70
CA SER C 399 -19.13 -27.12 -60.69
C SER C 399 -20.18 -26.03 -60.54
N PHE C 400 -19.78 -24.92 -59.90
CA PHE C 400 -20.67 -23.78 -59.69
C PHE C 400 -19.94 -22.46 -59.82
N LEU C 401 -20.67 -21.45 -60.27
CA LEU C 401 -20.09 -20.11 -60.41
C LEU C 401 -20.43 -19.38 -59.11
N ALA C 402 -19.40 -18.85 -58.45
CA ALA C 402 -19.61 -18.14 -57.20
C ALA C 402 -19.64 -16.63 -57.39
N PHE C 403 -18.72 -16.12 -58.20
CA PHE C 403 -18.65 -14.69 -58.44
C PHE C 403 -18.31 -14.30 -59.88
N GLU C 404 -18.83 -13.14 -60.27
CA GLU C 404 -18.62 -12.59 -61.60
C GLU C 404 -18.70 -11.06 -61.53
N GLY C 405 -17.58 -10.41 -61.85
CA GLY C 405 -17.50 -8.96 -61.81
C GLY C 405 -16.08 -8.57 -62.15
N GLU C 406 -15.65 -7.37 -61.76
CA GLU C 406 -14.28 -6.95 -62.08
C GLU C 406 -13.50 -6.34 -60.93
N MET C 407 -12.18 -6.33 -61.09
CA MET C 407 -11.26 -5.77 -60.10
C MET C 407 -9.94 -5.51 -60.81
N MET C 408 -9.16 -4.57 -60.29
CA MET C 408 -7.87 -4.23 -60.87
C MET C 408 -7.89 -3.95 -62.38
N GLY C 409 -9.07 -3.73 -62.94
CA GLY C 409 -9.15 -3.42 -64.36
C GLY C 409 -9.77 -4.43 -65.32
N ARG C 410 -10.16 -5.59 -64.81
CA ARG C 410 -10.77 -6.61 -65.67
C ARG C 410 -11.78 -7.49 -64.94
N ASN C 411 -12.75 -8.00 -65.70
CA ASN C 411 -13.77 -8.87 -65.13
C ASN C 411 -13.20 -10.23 -64.81
N VAL C 412 -13.84 -10.93 -63.87
CA VAL C 412 -13.38 -12.25 -63.46
C VAL C 412 -14.55 -13.14 -63.05
N ARG C 413 -14.35 -14.45 -63.15
CA ARG C 413 -15.36 -15.43 -62.77
C ARG C 413 -14.72 -16.44 -61.81
N VAL C 414 -15.34 -16.62 -60.64
CA VAL C 414 -14.82 -17.56 -59.65
C VAL C 414 -15.66 -18.81 -59.52
N TYR C 415 -15.00 -19.96 -59.64
CA TYR C 415 -15.69 -21.24 -59.58
C TYR C 415 -15.32 -22.09 -58.37
N VAL C 416 -16.35 -22.70 -57.77
CA VAL C 416 -16.18 -23.60 -56.63
C VAL C 416 -16.43 -24.96 -57.26
N VAL C 417 -15.42 -25.83 -57.25
CA VAL C 417 -15.59 -27.12 -57.89
C VAL C 417 -14.89 -28.34 -57.30
N GLU C 418 -15.12 -29.48 -57.94
CA GLU C 418 -14.54 -30.76 -57.57
C GLU C 418 -14.49 -31.59 -58.85
N GLU C 419 -13.30 -32.01 -59.22
CA GLU C 419 -13.09 -32.80 -60.43
C GLU C 419 -13.26 -34.30 -60.19
N GLU C 420 -12.82 -34.78 -59.03
CA GLU C 420 -12.93 -36.20 -58.71
C GLU C 420 -14.35 -36.74 -58.88
N GLU C 421 -14.44 -38.04 -59.11
CA GLU C 421 -15.71 -38.73 -59.32
C GLU C 421 -16.24 -39.32 -58.02
N ASN C 422 -17.54 -39.59 -57.99
CA ASN C 422 -18.20 -40.16 -56.82
C ASN C 422 -17.65 -39.66 -55.49
N THR C 423 -18.10 -38.47 -55.10
CA THR C 423 -17.69 -37.82 -53.87
C THR C 423 -18.59 -36.59 -53.77
N LYS C 424 -18.34 -35.74 -52.78
CA LYS C 424 -19.12 -34.53 -52.62
C LYS C 424 -18.24 -33.33 -52.96
N LEU C 425 -18.88 -32.19 -53.21
CA LEU C 425 -18.13 -30.99 -53.54
C LEU C 425 -17.09 -30.71 -52.47
N CYS C 426 -17.58 -30.42 -51.26
CA CYS C 426 -16.71 -30.12 -50.13
C CYS C 426 -16.52 -31.32 -49.20
N GLY C 427 -15.42 -31.29 -48.45
CA GLY C 427 -15.13 -32.35 -47.51
C GLY C 427 -16.18 -32.31 -46.40
N PRO C 428 -16.29 -33.36 -45.59
CA PRO C 428 -17.31 -33.26 -44.55
C PRO C 428 -16.96 -32.28 -43.42
N ALA C 429 -15.72 -31.80 -43.41
CA ALA C 429 -15.26 -30.87 -42.36
C ALA C 429 -15.17 -29.38 -42.75
N TYR C 430 -15.62 -29.06 -43.96
CA TYR C 430 -15.56 -27.67 -44.43
C TYR C 430 -16.18 -26.67 -43.46
N ALA C 431 -17.20 -27.10 -42.71
CA ALA C 431 -17.88 -26.21 -41.78
C ALA C 431 -17.36 -26.23 -40.33
N ASN C 432 -16.27 -26.94 -40.08
CA ASN C 432 -15.70 -27.00 -38.74
C ASN C 432 -15.27 -25.62 -38.26
N GLU C 433 -15.55 -25.32 -37.00
CA GLU C 433 -15.18 -24.01 -36.43
C GLU C 433 -14.02 -24.10 -35.45
N VAL C 434 -13.17 -23.08 -35.46
CA VAL C 434 -12.04 -23.04 -34.54
C VAL C 434 -12.54 -22.45 -33.23
N VAL C 435 -12.35 -23.17 -32.12
CA VAL C 435 -12.78 -22.66 -30.83
C VAL C 435 -11.77 -23.01 -29.76
N VAL C 436 -11.58 -22.09 -28.82
CA VAL C 436 -10.63 -22.28 -27.75
C VAL C 436 -11.40 -22.76 -26.53
N TYR C 437 -10.81 -23.71 -25.81
CA TYR C 437 -11.43 -24.24 -24.59
C TYR C 437 -10.36 -24.75 -23.64
N LYS C 438 -10.38 -24.25 -22.42
CA LYS C 438 -9.44 -24.67 -21.41
C LYS C 438 -7.99 -24.66 -21.87
N GLY C 439 -7.61 -23.63 -22.63
CA GLY C 439 -6.23 -23.51 -23.06
C GLY C 439 -5.87 -24.28 -24.31
N ASP C 440 -6.84 -24.99 -24.89
CA ASP C 440 -6.58 -25.74 -26.11
C ASP C 440 -7.33 -25.12 -27.27
N ILE C 441 -6.80 -25.31 -28.47
CA ILE C 441 -7.43 -24.79 -29.67
C ILE C 441 -7.98 -25.98 -30.44
N TYR C 442 -9.28 -25.96 -30.71
CA TYR C 442 -9.95 -27.05 -31.42
C TYR C 442 -10.59 -26.65 -32.75
N GLY C 443 -10.63 -27.61 -33.67
CA GLY C 443 -11.28 -27.42 -34.96
C GLY C 443 -12.36 -28.49 -34.91
N ILE C 444 -13.61 -28.07 -34.73
CA ILE C 444 -14.71 -29.04 -34.57
C ILE C 444 -16.03 -28.61 -35.19
N PRO C 445 -16.95 -29.58 -35.36
CA PRO C 445 -18.27 -29.32 -35.93
C PRO C 445 -19.25 -28.91 -34.84
N LYS C 446 -20.23 -28.10 -35.18
CA LYS C 446 -21.20 -27.67 -34.18
C LYS C 446 -22.22 -28.77 -33.97
N THR C 447 -21.82 -29.80 -33.23
CA THR C 447 -22.70 -30.94 -32.96
C THR C 447 -23.04 -31.05 -31.49
N LYS C 448 -24.22 -31.61 -31.23
CA LYS C 448 -24.67 -31.82 -29.86
C LYS C 448 -23.53 -32.47 -29.09
N LYS C 449 -22.74 -33.27 -29.78
CA LYS C 449 -21.61 -33.95 -29.17
C LYS C 449 -20.62 -32.95 -28.57
N TRP C 450 -20.39 -31.84 -29.27
CA TRP C 450 -19.45 -30.81 -28.83
C TRP C 450 -20.04 -29.55 -28.17
N ARG C 451 -21.36 -29.54 -27.96
CA ARG C 451 -22.04 -28.40 -27.37
C ARG C 451 -21.29 -27.71 -26.23
N SER C 452 -20.94 -28.46 -25.20
CA SER C 452 -20.26 -27.87 -24.07
C SER C 452 -19.04 -27.06 -24.48
N PHE C 453 -18.35 -27.46 -25.52
CA PHE C 453 -17.17 -26.72 -25.95
C PHE C 453 -17.62 -25.38 -26.52
N PHE C 454 -18.69 -25.39 -27.31
CA PHE C 454 -19.18 -24.17 -27.91
C PHE C 454 -19.84 -23.21 -26.93
N GLU C 455 -20.45 -23.75 -25.88
CA GLU C 455 -21.12 -22.90 -24.89
C GLU C 455 -20.23 -22.43 -23.74
N GLU C 456 -19.18 -23.19 -23.39
CA GLU C 456 -18.30 -22.80 -22.28
C GLU C 456 -16.90 -22.36 -22.72
N GLY C 457 -16.58 -22.54 -24.00
CA GLY C 457 -15.28 -22.10 -24.49
C GLY C 457 -15.52 -20.83 -25.29
N VAL C 458 -14.53 -20.35 -26.04
CA VAL C 458 -14.82 -19.16 -26.84
C VAL C 458 -14.48 -19.42 -28.30
N PRO C 459 -15.52 -19.54 -29.13
CA PRO C 459 -15.39 -19.78 -30.56
C PRO C 459 -14.85 -18.53 -31.24
N THR C 460 -14.04 -18.73 -32.27
CA THR C 460 -13.45 -17.63 -33.00
C THR C 460 -14.41 -17.00 -33.98
N GLY C 461 -15.36 -17.79 -34.46
CA GLY C 461 -16.30 -17.29 -35.43
C GLY C 461 -15.68 -17.48 -36.82
N ILE C 462 -14.59 -18.24 -36.86
CA ILE C 462 -13.92 -18.54 -38.11
C ILE C 462 -14.00 -20.04 -38.40
N ARG C 463 -14.59 -20.39 -39.53
CA ARG C 463 -14.72 -21.81 -39.90
C ARG C 463 -13.63 -22.20 -40.88
N TYR C 464 -13.57 -23.50 -41.19
CA TYR C 464 -12.59 -24.04 -42.12
C TYR C 464 -12.63 -23.35 -43.48
N ILE C 465 -13.81 -23.23 -44.08
CA ILE C 465 -13.94 -22.57 -45.37
C ILE C 465 -13.56 -21.10 -45.24
N ASP C 466 -14.12 -20.43 -44.24
CA ASP C 466 -13.85 -19.01 -44.01
C ASP C 466 -12.35 -18.72 -44.15
N GLY C 467 -11.52 -19.44 -43.40
CA GLY C 467 -10.10 -19.22 -43.48
C GLY C 467 -9.51 -19.47 -44.86
N PHE C 468 -10.07 -20.46 -45.54
CA PHE C 468 -9.59 -20.82 -46.88
C PHE C 468 -10.00 -19.81 -47.93
N ALA C 469 -11.30 -19.49 -47.96
CA ALA C 469 -11.80 -18.52 -48.91
C ALA C 469 -10.90 -17.29 -48.94
N TYR C 470 -10.64 -16.70 -47.77
CA TYR C 470 -9.80 -15.50 -47.69
C TYR C 470 -8.49 -15.71 -48.43
N TYR C 471 -7.94 -16.92 -48.33
CA TYR C 471 -6.68 -17.25 -48.99
C TYR C 471 -6.91 -17.29 -50.49
N ALA C 472 -7.98 -17.98 -50.88
CA ALA C 472 -8.34 -18.10 -52.29
C ALA C 472 -8.40 -16.71 -52.89
N ALA C 473 -9.31 -15.90 -52.37
CA ALA C 473 -9.48 -14.55 -52.87
C ALA C 473 -8.14 -13.84 -53.06
N ARG C 474 -7.41 -13.59 -51.99
CA ARG C 474 -6.14 -12.89 -52.13
C ARG C 474 -5.21 -13.58 -53.12
N LYS C 475 -5.46 -14.84 -53.40
CA LYS C 475 -4.60 -15.56 -54.33
C LYS C 475 -4.88 -15.21 -55.80
N VAL C 476 -6.14 -14.98 -56.14
CA VAL C 476 -6.51 -14.61 -57.50
C VAL C 476 -6.11 -13.15 -57.64
N GLU C 477 -6.27 -12.43 -56.54
CA GLU C 477 -5.94 -11.03 -56.44
C GLU C 477 -4.48 -10.82 -56.81
N GLU C 478 -3.66 -11.83 -56.55
CA GLU C 478 -2.23 -11.79 -56.86
C GLU C 478 -2.02 -12.17 -58.33
N ALA C 479 -2.96 -12.94 -58.88
CA ALA C 479 -2.88 -13.35 -60.27
C ALA C 479 -3.27 -12.16 -61.14
N ALA C 480 -4.29 -11.43 -60.72
CA ALA C 480 -4.74 -10.26 -61.46
C ALA C 480 -3.57 -9.30 -61.66
N MET C 481 -2.91 -8.93 -60.56
CA MET C 481 -1.76 -8.02 -60.61
C MET C 481 -0.53 -8.69 -61.25
N ARG C 482 -0.58 -10.01 -61.40
CA ARG C 482 0.52 -10.75 -62.00
C ARG C 482 0.33 -10.87 -63.51
N GLU C 483 -0.78 -10.33 -64.00
CA GLU C 483 -1.10 -10.36 -65.42
C GLU C 483 -1.59 -11.72 -65.90
N GLN C 484 -1.70 -12.69 -64.99
CA GLN C 484 -2.18 -14.01 -65.37
C GLN C 484 -3.59 -13.93 -65.92
N GLU C 485 -4.27 -15.07 -65.96
CA GLU C 485 -5.63 -15.16 -66.48
C GLU C 485 -6.39 -16.31 -65.86
N GLU C 486 -5.68 -17.15 -65.10
CA GLU C 486 -6.29 -18.31 -64.46
C GLU C 486 -5.45 -18.73 -63.25
N VAL C 487 -6.12 -19.26 -62.23
CA VAL C 487 -5.44 -19.71 -61.01
C VAL C 487 -6.09 -20.94 -60.38
N LYS C 488 -5.24 -21.83 -59.89
CA LYS C 488 -5.68 -23.06 -59.25
C LYS C 488 -5.31 -23.02 -57.78
N VAL C 489 -6.32 -23.10 -56.92
CA VAL C 489 -6.11 -23.08 -55.48
C VAL C 489 -7.11 -24.05 -54.85
N LYS C 490 -6.58 -25.11 -54.28
CA LYS C 490 -7.41 -26.14 -53.66
C LYS C 490 -6.91 -26.53 -52.27
N ALA C 491 -7.79 -27.16 -51.51
CA ALA C 491 -7.46 -27.59 -50.16
C ALA C 491 -7.91 -29.03 -49.96
N ARG C 492 -7.04 -29.84 -49.38
CA ARG C 492 -7.39 -31.24 -49.14
C ARG C 492 -7.58 -31.58 -47.67
N ILE C 493 -6.49 -32.01 -47.03
CA ILE C 493 -6.53 -32.39 -45.62
C ILE C 493 -5.86 -31.41 -44.66
N VAL C 494 -6.65 -30.89 -43.73
CA VAL C 494 -6.17 -29.96 -42.72
C VAL C 494 -5.41 -30.68 -41.62
N GLU C 495 -4.19 -30.21 -41.36
CA GLU C 495 -3.35 -30.78 -40.32
C GLU C 495 -2.95 -29.76 -39.25
N ASN C 496 -3.22 -28.48 -39.52
CA ASN C 496 -2.87 -27.42 -38.58
C ASN C 496 -3.46 -26.07 -38.95
N LEU C 497 -3.19 -25.07 -38.11
CA LEU C 497 -3.71 -23.72 -38.35
C LEU C 497 -3.28 -23.18 -39.70
N SER C 498 -2.05 -23.50 -40.09
CA SER C 498 -1.54 -23.05 -41.37
C SER C 498 -2.43 -23.49 -42.53
N ASP C 499 -2.67 -24.79 -42.63
CA ASP C 499 -3.49 -25.34 -43.71
C ASP C 499 -4.84 -24.66 -43.84
N ILE C 500 -5.19 -23.82 -42.88
CA ILE C 500 -6.48 -23.18 -42.98
C ILE C 500 -6.38 -21.65 -43.05
N ASN C 501 -5.17 -21.16 -43.32
CA ASN C 501 -4.88 -19.73 -43.44
C ASN C 501 -5.10 -18.97 -42.13
N LEU C 502 -4.45 -19.46 -41.08
CA LEU C 502 -4.57 -18.91 -39.74
C LEU C 502 -3.25 -19.06 -39.01
N TYR C 503 -2.94 -18.13 -38.10
CA TYR C 503 -1.71 -18.23 -37.33
C TYR C 503 -1.85 -17.58 -35.96
N ILE C 504 -0.81 -17.75 -35.15
CA ILE C 504 -0.73 -17.17 -33.82
C ILE C 504 0.73 -16.80 -33.67
N HIS C 505 1.00 -15.67 -33.03
CA HIS C 505 2.37 -15.21 -32.83
C HIS C 505 3.23 -16.24 -32.09
N GLU C 506 4.50 -16.31 -32.47
CA GLU C 506 5.41 -17.28 -31.86
C GLU C 506 5.39 -17.30 -30.34
N ASN C 507 5.11 -16.18 -29.69
CA ASN C 507 5.12 -16.18 -28.24
C ASN C 507 3.91 -16.89 -27.66
N VAL C 508 2.77 -16.82 -28.35
CA VAL C 508 1.57 -17.47 -27.86
C VAL C 508 1.73 -18.97 -28.03
N ARG C 509 2.42 -19.36 -29.10
CA ARG C 509 2.67 -20.76 -29.38
C ARG C 509 3.57 -21.32 -28.27
N ARG C 510 4.64 -20.58 -27.94
CA ARG C 510 5.54 -21.01 -26.88
C ARG C 510 4.75 -21.07 -25.56
N TYR C 511 3.79 -20.16 -25.42
CA TYR C 511 2.96 -20.13 -24.22
C TYR C 511 2.19 -21.44 -24.07
N ILE C 512 1.43 -21.77 -25.12
CA ILE C 512 0.62 -22.99 -25.13
C ILE C 512 1.44 -24.25 -24.87
N LEU C 513 2.66 -24.32 -25.40
CA LEU C 513 3.49 -25.48 -25.16
C LEU C 513 3.86 -25.51 -23.70
N TRP C 514 4.31 -24.37 -23.19
CA TRP C 514 4.70 -24.26 -21.79
C TRP C 514 3.58 -24.71 -20.88
N LYS C 515 2.37 -24.27 -21.16
CA LYS C 515 1.21 -24.64 -20.36
C LYS C 515 0.71 -26.05 -20.76
N LYS C 516 1.50 -26.73 -21.57
CA LYS C 516 1.18 -28.08 -22.05
C LYS C 516 -0.22 -28.14 -22.65
N GLY C 517 -0.56 -27.13 -23.45
CA GLY C 517 -1.86 -27.12 -24.09
C GLY C 517 -1.70 -27.83 -25.43
N LYS C 518 -2.80 -27.99 -26.16
CA LYS C 518 -2.69 -28.63 -27.45
C LYS C 518 -3.50 -27.94 -28.53
N ILE C 519 -3.06 -28.14 -29.77
CA ILE C 519 -3.75 -27.56 -30.90
C ILE C 519 -4.22 -28.73 -31.73
N ASP C 520 -5.54 -28.82 -31.94
CA ASP C 520 -6.13 -29.90 -32.72
C ASP C 520 -7.03 -29.34 -33.82
N VAL C 521 -6.38 -29.03 -34.93
CA VAL C 521 -7.05 -28.49 -36.11
C VAL C 521 -6.75 -29.46 -37.25
N ARG C 522 -7.70 -30.38 -37.46
CA ARG C 522 -7.57 -31.41 -38.49
C ARG C 522 -8.89 -31.63 -39.21
N GLY C 523 -8.83 -32.43 -40.28
CA GLY C 523 -10.05 -32.73 -41.02
C GLY C 523 -10.00 -32.63 -42.52
N PRO C 524 -10.93 -33.32 -43.19
CA PRO C 524 -11.06 -33.36 -44.65
C PRO C 524 -11.77 -32.10 -45.18
N LEU C 525 -10.98 -31.17 -45.70
CA LEU C 525 -11.54 -29.94 -46.24
C LEU C 525 -11.97 -30.22 -47.66
N PHE C 526 -11.04 -30.76 -48.45
CA PHE C 526 -11.31 -31.10 -49.84
C PHE C 526 -12.27 -30.12 -50.51
N VAL C 527 -11.72 -28.97 -50.87
CA VAL C 527 -12.50 -27.92 -51.52
C VAL C 527 -11.55 -27.24 -52.51
N THR C 528 -12.02 -27.03 -53.74
CA THR C 528 -11.20 -26.43 -54.77
C THR C 528 -11.85 -25.22 -55.42
N VAL C 529 -11.06 -24.19 -55.68
CA VAL C 529 -11.58 -22.98 -56.30
C VAL C 529 -10.77 -22.62 -57.54
N LYS C 530 -11.50 -22.23 -58.58
CA LYS C 530 -10.90 -21.83 -59.85
C LYS C 530 -11.47 -20.49 -60.27
N ALA C 531 -10.66 -19.72 -60.98
CA ALA C 531 -11.08 -18.42 -61.47
C ALA C 531 -10.33 -18.09 -62.76
N GLU C 532 -10.93 -17.22 -63.57
CA GLU C 532 -10.32 -16.83 -64.84
C GLU C 532 -10.50 -15.33 -65.04
N ILE C 533 -9.41 -14.58 -64.96
CA ILE C 533 -9.47 -13.13 -65.14
C ILE C 533 -9.26 -12.77 -66.61
N GLU C 534 -10.02 -11.80 -67.09
CA GLU C 534 -9.92 -11.36 -68.47
C GLU C 534 -10.05 -9.85 -68.57
#